data_5SZP
#
_entry.id   5SZP
#
_cell.length_a   83.813
_cell.length_b   45.549
_cell.length_c   127.072
_cell.angle_alpha   90.00
_cell.angle_beta   96.91
_cell.angle_gamma   90.00
#
_symmetry.space_group_name_H-M   'P 1 21 1'
#
loop_
_entity.id
_entity.type
_entity.pdbx_description
1 polymer 'Protocadherin Gamma B7'
2 non-polymer 'CALCIUM ION'
3 non-polymer alpha-D-mannopyranose
4 non-polymer 2-acetamido-2-deoxy-beta-D-glucopyranose
5 non-polymer 'trimethylamine oxide'
6 water water
#
_entity_poly.entity_id   1
_entity_poly.type   'polypeptide(L)'
_entity_poly.pdbx_seq_one_letter_code
;QPVRYSIPEELDRGSVVGKLAKDLGLSVLEVSARKLRVSAEKLHFSVDSESGDLLVKDRIDREQICKGRRKCELQLEAVL
ENPLNIFHVVVEIEDVNDHAPQFPKDEINLEISESDSPGARTILESAKDLDIGMNSLSKYQLSPNDYFLLLVKDNPDGSK
YPELELQKMLDREAESTHHLMLTAVDGGDPPRTGTTQLRIRVVDANDNRPVFSQDVYRVRLPEDLPPGTTVLRLKAMDQD
EGINAEFTYSFLGVANKAQFSLDPITGDIVTRQSLDFEEVEQYTIDVEAKDRGSLSSQCKVIIEVLDENDNRPEIIITSL
SDQISEDSPSGTVVALFKVRDRDSGENAEVMCSLSGNNPFKIHSSSNNYYKLVTDSILDREQTPGYNVTITATDRGKPPL
SSSTTITLNVADVNDHHHHHHHH
;
_entity_poly.pdbx_strand_id   A,B
#
# COMPACT_ATOMS: atom_id res chain seq x y z
N PRO A 2 55.58 40.19 -19.12
CA PRO A 2 54.61 39.72 -20.10
C PRO A 2 53.32 40.55 -20.13
N VAL A 3 53.06 41.21 -21.26
CA VAL A 3 51.84 42.00 -21.40
C VAL A 3 50.62 41.10 -21.41
N ARG A 4 49.56 41.52 -20.72
CA ARG A 4 48.34 40.75 -20.59
C ARG A 4 47.15 41.56 -21.10
N TYR A 5 46.37 40.95 -21.99
CA TYR A 5 45.18 41.56 -22.57
C TYR A 5 43.99 40.65 -22.31
N SER A 6 42.94 41.20 -21.73
CA SER A 6 41.75 40.44 -21.36
C SER A 6 40.61 40.82 -22.30
N ILE A 7 40.06 39.82 -23.00
CA ILE A 7 38.93 40.05 -23.90
C ILE A 7 37.92 38.94 -23.74
N PRO A 8 36.64 39.26 -23.89
CA PRO A 8 35.61 38.22 -23.83
C PRO A 8 35.64 37.34 -25.07
N GLU A 9 35.08 36.14 -24.91
CA GLU A 9 35.03 35.19 -26.01
C GLU A 9 33.94 35.57 -27.02
N GLU A 10 33.94 34.86 -28.14
CA GLU A 10 32.90 34.97 -29.16
C GLU A 10 32.80 36.39 -29.72
N LEU A 11 33.93 37.07 -29.83
CA LEU A 11 33.96 38.37 -30.47
C LEU A 11 34.23 38.21 -31.97
N ASP A 12 33.66 39.12 -32.75
CA ASP A 12 33.79 39.04 -34.20
C ASP A 12 35.22 39.24 -34.66
N ARG A 13 35.54 38.66 -35.82
CA ARG A 13 36.88 38.79 -36.38
C ARG A 13 37.17 40.25 -36.71
N GLY A 14 38.43 40.64 -36.50
CA GLY A 14 38.84 42.01 -36.70
C GLY A 14 38.79 42.87 -35.46
N SER A 15 38.21 42.37 -34.38
CA SER A 15 38.17 43.12 -33.12
C SER A 15 39.58 43.25 -32.55
N VAL A 16 39.78 44.30 -31.76
CA VAL A 16 41.10 44.63 -31.24
C VAL A 16 41.30 43.93 -29.90
N VAL A 17 42.39 43.20 -29.78
CA VAL A 17 42.75 42.58 -28.50
C VAL A 17 43.41 43.61 -27.59
N GLY A 18 44.48 44.22 -28.06
CA GLY A 18 45.15 45.26 -27.31
C GLY A 18 46.26 45.87 -28.13
N LYS A 19 46.62 47.11 -27.76
CA LYS A 19 47.68 47.85 -28.43
C LYS A 19 49.02 47.33 -27.95
N LEU A 20 49.48 46.26 -28.58
CA LEU A 20 50.76 45.65 -28.19
C LEU A 20 51.93 46.55 -28.57
N ALA A 21 51.85 47.20 -29.74
CA ALA A 21 52.92 48.08 -30.17
C ALA A 21 53.01 49.32 -29.29
N LYS A 22 51.86 49.86 -28.89
CA LYS A 22 51.88 51.04 -28.01
C LYS A 22 52.51 50.72 -26.66
N ASP A 23 52.29 49.50 -26.16
CA ASP A 23 52.94 49.10 -24.91
C ASP A 23 54.42 48.81 -25.12
N LEU A 24 54.76 48.23 -26.27
CA LEU A 24 56.15 47.95 -26.61
C LEU A 24 56.88 49.19 -27.12
N GLY A 25 56.16 50.18 -27.63
CA GLY A 25 56.80 51.38 -28.13
C GLY A 25 57.35 51.28 -29.53
N LEU A 26 57.15 50.17 -30.22
CA LEU A 26 57.56 50.07 -31.62
C LEU A 26 56.81 51.11 -32.45
N SER A 27 57.49 51.62 -33.47
CA SER A 27 56.93 52.62 -34.36
C SER A 27 56.31 51.96 -35.58
N VAL A 28 55.47 52.73 -36.28
CA VAL A 28 54.79 52.23 -37.49
C VAL A 28 55.82 51.78 -38.53
N LEU A 29 56.85 52.60 -38.74
CA LEU A 29 57.91 52.23 -39.68
C LEU A 29 58.60 50.95 -39.23
N GLU A 30 58.78 50.78 -37.92
CA GLU A 30 59.38 49.56 -37.40
C GLU A 30 58.40 48.39 -37.47
N VAL A 31 57.10 48.66 -37.36
CA VAL A 31 56.11 47.60 -37.55
C VAL A 31 56.15 47.09 -38.98
N SER A 32 56.34 47.98 -39.95
CA SER A 32 56.44 47.56 -41.34
C SER A 32 57.78 46.87 -41.61
N ALA A 33 58.87 47.43 -41.11
CA ALA A 33 60.21 46.88 -41.34
C ALA A 33 60.33 45.52 -40.65
N ARG A 34 60.31 45.51 -39.32
CA ARG A 34 60.37 44.26 -38.56
C ARG A 34 59.09 43.47 -38.79
N LYS A 35 59.21 42.30 -39.43
CA LYS A 35 58.06 41.44 -39.61
C LYS A 35 57.53 41.01 -38.26
N LEU A 36 56.36 41.52 -37.87
CA LEU A 36 55.75 41.22 -36.58
C LEU A 36 54.81 40.05 -36.76
N ARG A 37 55.09 38.95 -36.07
CA ARG A 37 54.27 37.75 -36.17
C ARG A 37 53.78 37.33 -34.80
N VAL A 38 52.57 36.77 -34.76
CA VAL A 38 51.98 36.25 -33.54
C VAL A 38 51.61 34.79 -33.76
N SER A 39 52.00 33.94 -32.82
CA SER A 39 51.75 32.51 -32.91
C SER A 39 51.17 32.02 -31.60
N ALA A 40 50.06 31.28 -31.68
CA ALA A 40 49.45 30.67 -30.50
C ALA A 40 49.35 29.16 -30.68
N GLU A 41 48.90 28.50 -29.61
CA GLU A 41 48.69 27.06 -29.61
C GLU A 41 47.46 26.73 -30.46
N LYS A 42 47.69 26.35 -31.71
CA LYS A 42 46.64 25.97 -32.67
C LYS A 42 45.65 27.10 -32.93
N LEU A 43 45.92 28.31 -32.44
CA LEU A 43 45.05 29.44 -32.66
C LEU A 43 45.77 30.47 -33.53
N HIS A 44 45.00 31.28 -34.25
CA HIS A 44 45.57 32.28 -35.14
C HIS A 44 45.00 33.65 -34.85
N PHE A 45 45.89 34.65 -34.81
CA PHE A 45 45.54 36.04 -34.69
C PHE A 45 46.21 36.80 -35.83
N SER A 46 45.54 37.85 -36.31
CA SER A 46 46.02 38.62 -37.44
C SER A 46 46.36 40.05 -37.00
N VAL A 47 47.46 40.57 -37.51
CA VAL A 47 47.87 41.94 -37.26
C VAL A 47 48.05 42.64 -38.60
N ASP A 48 47.34 43.75 -38.78
CA ASP A 48 47.43 44.52 -40.02
C ASP A 48 48.56 45.53 -39.91
N SER A 49 49.25 45.75 -41.03
CA SER A 49 50.38 46.67 -41.04
C SER A 49 49.97 48.11 -40.84
N GLU A 50 48.72 48.45 -41.14
CA GLU A 50 48.27 49.84 -41.04
C GLU A 50 48.17 50.28 -39.58
N SER A 51 47.43 49.53 -38.77
CA SER A 51 47.20 49.91 -37.37
C SER A 51 48.32 49.44 -36.45
N GLY A 52 48.89 48.26 -36.71
CA GLY A 52 49.90 47.72 -35.84
C GLY A 52 49.39 47.26 -34.49
N ASP A 53 48.13 46.84 -34.41
CA ASP A 53 47.52 46.36 -33.19
C ASP A 53 47.14 44.90 -33.35
N LEU A 54 46.88 44.25 -32.22
CA LEU A 54 46.55 42.83 -32.22
C LEU A 54 45.08 42.64 -32.54
N LEU A 55 44.80 41.93 -33.63
CA LEU A 55 43.44 41.64 -34.05
C LEU A 55 43.23 40.13 -34.11
N VAL A 56 42.00 39.70 -33.86
CA VAL A 56 41.64 38.29 -33.89
C VAL A 56 41.43 37.83 -35.32
N LYS A 57 41.93 36.63 -35.64
CA LYS A 57 41.75 36.03 -36.95
C LYS A 57 40.81 34.85 -36.95
N ASP A 58 40.54 34.26 -35.78
CA ASP A 58 39.66 33.11 -35.62
C ASP A 58 38.66 33.38 -34.51
N ARG A 59 37.57 32.62 -34.51
CA ARG A 59 36.59 32.68 -33.44
C ARG A 59 37.13 32.01 -32.19
N ILE A 60 36.96 32.66 -31.05
CA ILE A 60 37.46 32.16 -29.78
C ILE A 60 36.27 31.69 -28.96
N ASP A 61 36.19 30.38 -28.72
CA ASP A 61 35.15 29.77 -27.90
C ASP A 61 35.82 29.26 -26.63
N ARG A 62 35.55 29.91 -25.50
CA ARG A 62 36.24 29.57 -24.26
C ARG A 62 35.92 28.13 -23.83
N GLU A 63 34.68 27.69 -24.02
CA GLU A 63 34.32 26.33 -23.63
C GLU A 63 34.98 25.28 -24.50
N GLN A 64 35.31 25.60 -25.74
CA GLN A 64 35.91 24.60 -26.63
C GLN A 64 37.39 24.41 -26.33
N ILE A 65 38.10 25.49 -26.04
CA ILE A 65 39.55 25.43 -25.84
C ILE A 65 39.91 25.20 -24.38
N CYS A 66 39.25 25.92 -23.47
CA CYS A 66 39.57 25.86 -22.05
C CYS A 66 38.82 24.74 -21.33
N LYS A 67 37.67 24.34 -21.86
CA LYS A 67 36.95 23.13 -21.43
C LYS A 67 36.75 23.06 -19.91
N GLY A 68 36.39 24.19 -19.29
CA GLY A 68 36.09 24.21 -17.88
C GLY A 68 37.17 24.68 -16.94
N ARG A 69 38.33 25.09 -17.44
CA ARG A 69 39.35 25.66 -16.56
C ARG A 69 38.81 26.90 -15.87
N ARG A 70 39.04 27.00 -14.56
CA ARG A 70 38.46 28.08 -13.78
C ARG A 70 38.96 29.45 -14.25
N LYS A 71 40.28 29.60 -14.39
CA LYS A 71 40.86 30.81 -14.98
C LYS A 71 41.65 30.37 -16.21
N CYS A 72 41.31 30.93 -17.37
CA CYS A 72 41.88 30.48 -18.63
C CYS A 72 42.61 31.63 -19.32
N GLU A 73 43.82 31.37 -19.77
CA GLU A 73 44.63 32.35 -20.49
C GLU A 73 45.40 31.64 -21.60
N LEU A 74 45.68 32.38 -22.67
CA LEU A 74 46.39 31.86 -23.82
C LEU A 74 47.73 32.55 -23.97
N GLN A 75 48.78 31.77 -24.24
CA GLN A 75 50.13 32.29 -24.37
C GLN A 75 50.51 32.37 -25.85
N LEU A 76 50.48 33.59 -26.39
CA LEU A 76 50.91 33.86 -27.75
C LEU A 76 52.32 34.45 -27.75
N GLU A 77 52.99 34.35 -28.91
CA GLU A 77 54.36 34.78 -29.05
C GLU A 77 54.47 35.77 -30.21
N ALA A 78 55.18 36.87 -29.97
CA ALA A 78 55.43 37.91 -30.97
C ALA A 78 56.88 37.87 -31.42
N VAL A 79 57.10 37.72 -32.72
CA VAL A 79 58.43 37.60 -33.31
C VAL A 79 58.69 38.82 -34.18
N LEU A 80 59.89 39.40 -34.04
CA LEU A 80 60.36 40.53 -34.84
C LEU A 80 61.68 40.18 -35.50
N GLU A 81 62.00 40.86 -36.59
CA GLU A 81 63.19 40.58 -37.38
C GLU A 81 64.08 41.80 -37.50
N ASN A 82 65.40 41.56 -37.49
CA ASN A 82 66.39 42.62 -37.68
C ASN A 82 66.25 43.82 -36.74
N PRO A 83 66.66 43.66 -35.47
CA PRO A 83 67.16 42.40 -34.91
C PRO A 83 66.02 41.48 -34.49
N LEU A 84 66.19 40.19 -34.70
CA LEU A 84 65.15 39.22 -34.38
C LEU A 84 64.93 39.17 -32.87
N ASN A 85 63.67 39.34 -32.45
CA ASN A 85 63.31 39.35 -31.05
C ASN A 85 62.09 38.49 -30.83
N ILE A 86 61.95 37.95 -29.62
CA ILE A 86 60.80 37.16 -29.24
C ILE A 86 60.22 37.74 -27.96
N PHE A 87 58.90 37.88 -27.93
CA PHE A 87 58.19 38.43 -26.78
C PHE A 87 56.99 37.53 -26.47
N HIS A 88 56.55 37.59 -25.22
CA HIS A 88 55.47 36.75 -24.73
C HIS A 88 54.28 37.62 -24.41
N VAL A 89 53.10 37.22 -24.89
CA VAL A 89 51.86 37.94 -24.61
C VAL A 89 50.84 36.95 -24.06
N VAL A 90 50.21 37.32 -22.95
CA VAL A 90 49.20 36.51 -22.29
C VAL A 90 47.85 37.16 -22.52
N VAL A 91 46.88 36.38 -23.01
CA VAL A 91 45.55 36.87 -23.33
C VAL A 91 44.57 36.15 -22.42
N GLU A 92 44.01 36.86 -21.46
CA GLU A 92 43.00 36.30 -20.57
C GLU A 92 41.63 36.41 -21.24
N ILE A 93 40.93 35.28 -21.33
CA ILE A 93 39.65 35.21 -22.00
C ILE A 93 38.56 35.30 -20.94
N GLU A 94 37.77 36.37 -20.99
CA GLU A 94 36.67 36.54 -20.06
C GLU A 94 35.49 35.68 -20.50
N ASP A 95 34.79 35.11 -19.52
CA ASP A 95 33.65 34.25 -19.84
C ASP A 95 32.43 35.10 -20.15
N VAL A 96 31.66 34.66 -21.14
CA VAL A 96 30.41 35.30 -21.52
C VAL A 96 29.27 34.33 -21.25
N ASN A 97 28.14 34.85 -20.77
CA ASN A 97 26.98 34.02 -20.45
C ASN A 97 26.19 33.73 -21.71
N ASP A 98 26.82 33.01 -22.63
CA ASP A 98 26.20 32.63 -23.89
C ASP A 98 25.58 31.24 -23.85
N HIS A 99 25.91 30.42 -22.86
CA HIS A 99 25.33 29.10 -22.69
C HIS A 99 24.35 29.13 -21.53
N ALA A 100 23.08 28.83 -21.81
CA ALA A 100 22.14 28.77 -20.70
C ALA A 100 22.12 27.37 -20.09
N PRO A 101 21.82 27.27 -18.80
CA PRO A 101 21.67 25.94 -18.19
C PRO A 101 20.52 25.17 -18.82
N GLN A 102 20.71 23.87 -18.97
CA GLN A 102 19.70 23.04 -19.59
C GLN A 102 19.80 21.62 -19.03
N PHE A 103 18.65 20.94 -18.99
CA PHE A 103 18.52 19.60 -18.47
C PHE A 103 18.78 18.57 -19.56
N PRO A 104 19.20 17.36 -19.20
CA PRO A 104 19.45 16.34 -20.23
C PRO A 104 18.22 16.03 -21.08
N LYS A 105 17.03 16.05 -20.49
CA LYS A 105 15.79 15.81 -21.22
C LYS A 105 14.84 16.97 -20.99
N ASP A 106 14.03 17.26 -22.01
CA ASP A 106 13.06 18.33 -21.90
C ASP A 106 11.99 18.00 -20.87
N GLU A 107 11.47 16.77 -20.90
CA GLU A 107 10.44 16.33 -19.97
C GLU A 107 10.97 15.16 -19.15
N ILE A 108 10.67 15.18 -17.86
CA ILE A 108 11.00 14.09 -16.95
C ILE A 108 9.70 13.45 -16.49
N ASN A 109 9.54 12.16 -16.77
CA ASN A 109 8.35 11.42 -16.39
C ASN A 109 8.67 10.62 -15.14
N LEU A 110 7.86 10.80 -14.10
CA LEU A 110 8.12 10.20 -12.81
C LEU A 110 6.95 9.32 -12.40
N GLU A 111 7.25 8.30 -11.59
CA GLU A 111 6.25 7.41 -11.03
C GLU A 111 6.46 7.39 -9.52
N ILE A 112 5.49 7.90 -8.78
CA ILE A 112 5.57 7.97 -7.32
C ILE A 112 4.39 7.22 -6.73
N SER A 113 4.67 6.28 -5.84
CA SER A 113 3.63 5.49 -5.22
C SER A 113 2.79 6.35 -4.29
N GLU A 114 1.47 6.15 -4.35
CA GLU A 114 0.56 6.88 -3.47
C GLU A 114 0.93 6.69 -2.01
N SER A 115 1.46 5.52 -1.65
CA SER A 115 1.84 5.21 -0.28
C SER A 115 3.19 5.80 0.12
N ASP A 116 3.73 6.73 -0.65
CA ASP A 116 5.02 7.33 -0.31
C ASP A 116 4.85 8.22 0.92
N SER A 117 5.64 7.94 1.97
CA SER A 117 5.52 8.67 3.21
C SER A 117 5.93 10.14 3.04
N PRO A 118 5.31 11.04 3.79
CA PRO A 118 5.72 12.45 3.74
C PRO A 118 7.16 12.63 4.22
N GLY A 119 7.81 13.66 3.70
CA GLY A 119 9.21 13.91 4.00
C GLY A 119 10.19 13.15 3.15
N ALA A 120 9.71 12.22 2.31
CA ALA A 120 10.60 11.47 1.43
C ALA A 120 11.13 12.38 0.33
N ARG A 121 12.37 12.14 -0.07
CA ARG A 121 13.03 12.97 -1.07
C ARG A 121 13.36 12.13 -2.30
N THR A 122 13.23 12.73 -3.47
CA THR A 122 13.56 12.09 -4.73
C THR A 122 14.59 12.96 -5.46
N ILE A 123 15.70 12.35 -5.85
CA ILE A 123 16.75 13.07 -6.56
C ILE A 123 16.36 13.21 -8.02
N LEU A 124 16.55 14.41 -8.58
CA LEU A 124 16.20 14.70 -9.96
C LEU A 124 17.47 14.93 -10.78
N GLU A 125 17.28 14.97 -12.10
CA GLU A 125 18.39 15.17 -13.02
C GLU A 125 19.03 16.54 -12.81
N SER A 126 20.36 16.57 -12.90
CA SER A 126 21.11 17.79 -12.71
C SER A 126 21.16 18.61 -14.00
N ALA A 127 21.07 19.92 -13.86
CA ALA A 127 21.18 20.83 -15.00
C ALA A 127 22.64 21.20 -15.24
N LYS A 128 23.04 21.19 -16.50
CA LYS A 128 24.42 21.46 -16.89
C LYS A 128 24.52 22.86 -17.50
N ASP A 129 25.54 23.61 -17.08
CA ASP A 129 25.81 24.94 -17.62
C ASP A 129 27.28 25.00 -18.00
N LEU A 130 27.56 25.02 -19.31
CA LEU A 130 28.93 24.97 -19.79
C LEU A 130 29.74 26.20 -19.39
N ASP A 131 29.09 27.30 -19.05
CA ASP A 131 29.81 28.47 -18.56
C ASP A 131 30.49 28.14 -17.23
N ILE A 132 31.54 28.89 -16.92
CA ILE A 132 32.33 28.67 -15.71
C ILE A 132 32.31 29.93 -14.87
N GLY A 133 32.30 29.75 -13.55
CA GLY A 133 32.30 30.87 -12.63
C GLY A 133 30.90 31.28 -12.23
N MET A 134 30.70 32.57 -11.96
CA MET A 134 29.37 33.05 -11.61
C MET A 134 28.37 32.77 -12.73
N ASN A 135 28.82 32.79 -13.98
CA ASN A 135 27.94 32.51 -15.12
C ASN A 135 27.46 31.06 -15.15
N SER A 136 28.04 30.18 -14.34
CA SER A 136 27.60 28.79 -14.28
C SER A 136 26.28 28.71 -13.51
N LEU A 137 25.79 27.48 -13.35
CA LEU A 137 24.50 27.26 -12.69
C LEU A 137 24.53 27.79 -11.26
N SER A 138 23.46 28.49 -10.88
CA SER A 138 23.38 29.15 -9.59
C SER A 138 22.38 28.47 -8.65
N LYS A 139 21.12 28.32 -9.06
CA LYS A 139 20.12 27.78 -8.16
C LYS A 139 18.99 27.13 -8.96
N TYR A 140 18.25 26.26 -8.29
CA TYR A 140 17.05 25.64 -8.83
C TYR A 140 15.82 26.21 -8.13
N GLN A 141 14.72 26.31 -8.88
CA GLN A 141 13.45 26.64 -8.28
C GLN A 141 12.34 25.91 -9.02
N LEU A 142 11.30 25.54 -8.27
CA LEU A 142 10.21 24.72 -8.75
C LEU A 142 8.90 25.50 -8.72
N SER A 143 8.00 25.16 -9.64
CA SER A 143 6.71 25.81 -9.69
C SER A 143 5.94 25.56 -8.39
N PRO A 144 5.16 26.54 -7.92
CA PRO A 144 4.50 26.38 -6.62
C PRO A 144 3.37 25.36 -6.67
N ASN A 145 3.28 24.57 -5.60
CA ASN A 145 2.22 23.58 -5.46
C ASN A 145 2.10 23.24 -3.97
N ASP A 146 1.07 22.45 -3.65
CA ASP A 146 0.80 22.08 -2.27
C ASP A 146 1.53 20.83 -1.83
N TYR A 147 1.99 19.99 -2.77
CA TYR A 147 2.51 18.67 -2.46
C TYR A 147 4.03 18.62 -2.31
N PHE A 148 4.77 19.23 -3.23
CA PHE A 148 6.21 19.07 -3.31
C PHE A 148 6.93 20.37 -2.93
N LEU A 149 8.00 20.23 -2.13
CA LEU A 149 8.89 21.33 -1.81
C LEU A 149 10.29 21.00 -2.33
N LEU A 150 10.95 21.97 -2.95
CA LEU A 150 12.22 21.74 -3.61
C LEU A 150 13.40 22.07 -2.71
N LEU A 151 14.40 21.18 -2.74
CA LEU A 151 15.67 21.38 -2.04
C LEU A 151 16.80 21.32 -3.05
N VAL A 152 17.85 22.09 -2.81
CA VAL A 152 19.03 22.13 -3.67
C VAL A 152 20.21 21.58 -2.90
N LYS A 153 20.75 20.45 -3.37
CA LYS A 153 21.88 19.82 -2.71
C LYS A 153 23.05 19.67 -3.67
N ASP A 154 24.26 19.57 -3.12
CA ASP A 154 25.48 19.53 -3.91
C ASP A 154 26.16 18.16 -3.80
N ASN A 155 26.40 17.54 -4.96
CA ASN A 155 27.15 16.29 -5.02
C ASN A 155 28.64 16.57 -4.86
N PRO A 156 29.44 15.55 -4.52
CA PRO A 156 30.85 15.80 -4.15
C PRO A 156 31.66 16.62 -5.14
N ASP A 157 31.39 16.52 -6.45
CA ASP A 157 32.19 17.26 -7.42
C ASP A 157 32.04 18.77 -7.28
N GLY A 158 30.96 19.22 -6.66
CA GLY A 158 30.69 20.64 -6.51
C GLY A 158 29.48 21.13 -7.28
N SER A 159 28.94 20.33 -8.19
CA SER A 159 27.77 20.73 -8.95
C SER A 159 26.55 20.82 -8.03
N LYS A 160 25.41 21.19 -8.63
CA LYS A 160 24.17 21.34 -7.89
C LYS A 160 23.09 20.49 -8.54
N TYR A 161 22.44 19.64 -7.73
CA TYR A 161 21.30 18.86 -8.16
C TYR A 161 20.11 19.12 -7.24
N PRO A 162 18.90 19.12 -7.77
CA PRO A 162 17.71 19.30 -6.95
C PRO A 162 17.10 17.98 -6.52
N GLU A 163 16.50 17.99 -5.34
CA GLU A 163 15.74 16.85 -4.84
C GLU A 163 14.42 17.36 -4.25
N LEU A 164 13.41 16.51 -4.32
CA LEU A 164 12.05 16.89 -3.92
C LEU A 164 11.73 16.26 -2.56
N GLU A 165 11.22 17.09 -1.65
CA GLU A 165 10.72 16.65 -0.36
C GLU A 165 9.20 16.75 -0.37
N LEU A 166 8.54 15.62 -0.15
CA LEU A 166 7.08 15.56 -0.18
C LEU A 166 6.53 16.16 1.11
N GLN A 167 5.66 17.16 0.99
CA GLN A 167 5.11 17.82 2.17
C GLN A 167 3.86 17.13 2.71
N LYS A 168 2.96 16.69 1.84
CA LYS A 168 1.74 16.02 2.27
C LYS A 168 1.53 14.74 1.47
N MET A 169 0.81 13.81 2.09
CA MET A 169 0.54 12.51 1.47
C MET A 169 -0.24 12.65 0.18
N LEU A 170 0.14 11.86 -0.82
CA LEU A 170 -0.54 11.84 -2.10
C LEU A 170 -1.80 10.98 -2.03
N ASP A 171 -2.67 11.12 -3.03
CA ASP A 171 -3.91 10.36 -3.07
C ASP A 171 -4.35 10.28 -4.53
N ARG A 172 -4.14 9.11 -5.15
CA ARG A 172 -4.52 8.95 -6.55
C ARG A 172 -6.03 9.00 -6.73
N GLU A 173 -6.79 8.56 -5.73
CA GLU A 173 -8.24 8.62 -5.80
C GLU A 173 -8.76 10.06 -5.83
N ALA A 174 -7.95 11.02 -5.41
CA ALA A 174 -8.31 12.44 -5.47
C ALA A 174 -7.68 13.15 -6.66
N GLU A 175 -6.38 12.98 -6.86
CA GLU A 175 -5.66 13.60 -7.97
C GLU A 175 -4.77 12.56 -8.62
N SER A 176 -5.04 12.25 -9.89
CA SER A 176 -4.35 11.15 -10.56
C SER A 176 -2.90 11.50 -10.86
N THR A 177 -2.67 12.68 -11.45
CA THR A 177 -1.33 13.08 -11.87
C THR A 177 -1.08 14.53 -11.49
N HIS A 178 0.20 14.89 -11.44
CA HIS A 178 0.63 16.26 -11.16
C HIS A 178 1.63 16.68 -12.23
N HIS A 179 1.41 17.84 -12.82
CA HIS A 179 2.30 18.42 -13.82
C HIS A 179 2.97 19.65 -13.23
N LEU A 180 4.29 19.63 -13.16
CA LEU A 180 5.06 20.71 -12.55
C LEU A 180 6.14 21.18 -13.51
N MET A 181 6.58 22.42 -13.28
CA MET A 181 7.64 23.04 -14.06
C MET A 181 8.85 23.25 -13.17
N LEU A 182 10.01 22.75 -13.59
CA LEU A 182 11.25 22.89 -12.85
C LEU A 182 12.21 23.77 -13.64
N THR A 183 12.79 24.76 -12.98
CA THR A 183 13.66 25.72 -13.64
C THR A 183 15.00 25.81 -12.93
N ALA A 184 16.06 26.02 -13.72
CA ALA A 184 17.41 26.20 -13.23
C ALA A 184 17.93 27.53 -13.75
N VAL A 185 18.43 28.36 -12.84
CA VAL A 185 18.88 29.72 -13.16
C VAL A 185 20.35 29.83 -12.82
N ASP A 186 21.10 30.48 -13.71
CA ASP A 186 22.52 30.73 -13.52
C ASP A 186 22.74 32.11 -12.91
N GLY A 187 23.98 32.38 -12.53
CA GLY A 187 24.32 33.66 -11.94
C GLY A 187 24.92 34.64 -12.94
N GLY A 188 24.12 35.04 -13.93
CA GLY A 188 24.57 35.95 -14.95
C GLY A 188 23.83 37.28 -14.89
N ASP A 189 24.26 38.20 -15.74
CA ASP A 189 23.65 39.52 -15.80
C ASP A 189 23.35 39.94 -17.24
N PRO A 190 22.09 39.75 -17.68
CA PRO A 190 21.00 39.13 -16.91
C PRO A 190 21.13 37.60 -16.87
N PRO A 191 20.55 36.97 -15.86
CA PRO A 191 20.63 35.51 -15.76
C PRO A 191 19.66 34.84 -16.72
N ARG A 192 20.01 33.60 -17.07
CA ARG A 192 19.22 32.79 -17.99
C ARG A 192 18.67 31.56 -17.27
N THR A 193 17.56 31.04 -17.78
CA THR A 193 16.86 29.94 -17.15
C THR A 193 16.66 28.81 -18.14
N GLY A 194 16.86 27.57 -17.67
CA GLY A 194 16.53 26.38 -18.42
C GLY A 194 15.41 25.63 -17.71
N THR A 195 14.46 25.14 -18.49
CA THR A 195 13.24 24.56 -17.96
C THR A 195 13.14 23.09 -18.36
N THR A 196 12.69 22.27 -17.40
CA THR A 196 12.30 20.90 -17.67
C THR A 196 10.90 20.69 -17.09
N GLN A 197 10.10 19.90 -17.79
CA GLN A 197 8.71 19.65 -17.42
C GLN A 197 8.63 18.32 -16.67
N LEU A 198 8.30 18.40 -15.38
CA LEU A 198 8.15 17.20 -14.57
C LEU A 198 6.72 16.72 -14.69
N ARG A 199 6.56 15.46 -15.10
CA ARG A 199 5.24 14.84 -15.23
C ARG A 199 5.20 13.69 -14.23
N ILE A 200 4.62 13.96 -13.07
CA ILE A 200 4.53 12.96 -12.01
C ILE A 200 3.20 12.24 -12.13
N ARG A 201 3.26 10.91 -12.21
CA ARG A 201 2.06 10.09 -12.22
C ARG A 201 2.02 9.29 -10.92
N VAL A 202 0.88 9.35 -10.23
CA VAL A 202 0.73 8.67 -8.95
C VAL A 202 0.27 7.25 -9.21
N VAL A 203 1.08 6.29 -8.81
CA VAL A 203 0.73 4.88 -8.97
C VAL A 203 -0.24 4.47 -7.86
N ASP A 204 -1.12 3.53 -8.18
CA ASP A 204 -2.14 3.11 -7.22
C ASP A 204 -1.50 2.32 -6.09
N ALA A 205 -1.95 2.61 -4.87
CA ALA A 205 -1.60 1.83 -3.70
C ALA A 205 -2.86 1.26 -3.09
N ASN A 206 -2.77 0.02 -2.57
CA ASN A 206 -3.92 -0.66 -2.00
C ASN A 206 -4.19 -0.07 -0.62
N ASP A 207 -4.86 1.08 -0.61
CA ASP A 207 -5.20 1.78 0.62
C ASP A 207 -6.69 1.97 0.82
N ASN A 208 -7.52 1.39 -0.06
CA ASN A 208 -8.97 1.50 0.06
C ASN A 208 -9.57 0.10 0.13
N ARG A 209 -10.38 -0.15 1.18
CA ARG A 209 -11.01 -1.44 1.31
C ARG A 209 -12.32 -1.48 0.52
N PRO A 210 -12.69 -2.65 -0.01
CA PRO A 210 -13.96 -2.75 -0.74
C PRO A 210 -15.13 -2.62 0.22
N VAL A 211 -15.97 -1.60 0.00
CA VAL A 211 -17.07 -1.27 0.89
C VAL A 211 -18.37 -1.72 0.26
N PHE A 212 -19.28 -2.21 1.09
CA PHE A 212 -20.58 -2.70 0.63
C PHE A 212 -21.52 -1.53 0.33
N SER A 213 -22.53 -1.82 -0.48
CA SER A 213 -23.54 -0.81 -0.78
C SER A 213 -24.39 -0.48 0.45
N GLN A 214 -24.52 -1.43 1.37
CA GLN A 214 -25.25 -1.23 2.62
C GLN A 214 -24.47 -1.89 3.75
N ASP A 215 -24.53 -1.27 4.93
CA ASP A 215 -23.86 -1.85 6.09
C ASP A 215 -24.56 -3.10 6.57
N VAL A 216 -25.89 -3.17 6.44
CA VAL A 216 -26.67 -4.34 6.81
C VAL A 216 -27.69 -4.60 5.72
N TYR A 217 -27.83 -5.86 5.31
CA TYR A 217 -28.78 -6.27 4.31
C TYR A 217 -29.90 -7.06 4.96
N ARG A 218 -31.15 -6.68 4.67
CA ARG A 218 -32.32 -7.29 5.26
C ARG A 218 -33.25 -7.77 4.16
N VAL A 219 -33.57 -9.06 4.18
CA VAL A 219 -34.51 -9.66 3.24
C VAL A 219 -35.50 -10.50 4.02
N ARG A 220 -36.69 -10.68 3.44
CA ARG A 220 -37.75 -11.47 4.04
C ARG A 220 -38.14 -12.58 3.08
N LEU A 221 -38.28 -13.79 3.62
CA LEU A 221 -38.52 -14.96 2.78
C LEU A 221 -39.64 -15.81 3.37
N PRO A 222 -40.49 -16.39 2.51
CA PRO A 222 -41.41 -17.42 2.99
C PRO A 222 -40.72 -18.77 3.03
N GLU A 223 -41.12 -19.59 4.01
CA GLU A 223 -40.44 -20.87 4.22
C GLU A 223 -40.63 -21.84 3.05
N ASP A 224 -41.68 -21.67 2.26
CA ASP A 224 -41.91 -22.52 1.09
C ASP A 224 -41.06 -22.12 -0.11
N LEU A 225 -40.09 -21.23 0.08
CA LEU A 225 -39.22 -20.81 -1.00
C LEU A 225 -38.39 -21.98 -1.49
N PRO A 226 -38.47 -22.35 -2.77
CA PRO A 226 -37.69 -23.50 -3.26
C PRO A 226 -36.20 -23.20 -3.24
N PRO A 227 -35.39 -24.14 -2.78
CA PRO A 227 -33.93 -23.93 -2.75
C PRO A 227 -33.39 -23.66 -4.14
N GLY A 228 -32.19 -23.07 -4.15
CA GLY A 228 -31.59 -22.61 -5.38
C GLY A 228 -32.04 -21.23 -5.81
N THR A 229 -33.00 -20.64 -5.10
CA THR A 229 -33.46 -19.31 -5.44
C THR A 229 -32.43 -18.27 -5.00
N THR A 230 -32.17 -17.31 -5.88
CA THR A 230 -31.23 -16.23 -5.56
C THR A 230 -31.90 -15.30 -4.56
N VAL A 231 -31.55 -15.45 -3.28
CA VAL A 231 -32.16 -14.60 -2.26
C VAL A 231 -31.58 -13.19 -2.32
N LEU A 232 -30.27 -13.07 -2.53
CA LEU A 232 -29.67 -11.74 -2.53
C LEU A 232 -28.49 -11.73 -3.49
N ARG A 233 -28.09 -10.51 -3.89
CA ARG A 233 -26.86 -10.31 -4.65
C ARG A 233 -26.13 -9.14 -4.03
N LEU A 234 -24.98 -9.40 -3.40
CA LEU A 234 -24.27 -8.36 -2.69
C LEU A 234 -23.58 -7.40 -3.67
N LYS A 235 -23.59 -6.12 -3.32
CA LYS A 235 -22.99 -5.07 -4.14
C LYS A 235 -21.89 -4.38 -3.34
N ALA A 236 -20.68 -4.37 -3.88
CA ALA A 236 -19.56 -3.70 -3.25
C ALA A 236 -18.64 -3.15 -4.32
N MET A 237 -17.91 -2.09 -3.96
CA MET A 237 -16.99 -1.43 -4.88
C MET A 237 -15.67 -1.15 -4.16
N ASP A 238 -14.58 -1.21 -4.93
CA ASP A 238 -13.25 -0.91 -4.42
C ASP A 238 -12.71 0.29 -5.19
N GLN A 239 -12.50 1.40 -4.48
CA GLN A 239 -12.10 2.65 -5.11
C GLN A 239 -10.70 2.62 -5.70
N ASP A 240 -9.92 1.57 -5.43
CA ASP A 240 -8.57 1.48 -5.98
C ASP A 240 -8.61 1.17 -7.47
N GLU A 241 -7.50 0.69 -8.02
CA GLU A 241 -7.37 0.51 -9.46
C GLU A 241 -6.80 -0.87 -9.76
N GLY A 242 -7.48 -1.61 -10.63
CA GLY A 242 -6.97 -2.87 -11.15
C GLY A 242 -6.85 -3.98 -10.13
N ILE A 243 -5.62 -4.48 -9.97
CA ILE A 243 -5.36 -5.58 -9.04
C ILE A 243 -5.80 -5.20 -7.64
N ASN A 244 -5.47 -3.99 -7.20
CA ASN A 244 -5.84 -3.54 -5.86
C ASN A 244 -7.34 -3.35 -5.68
N ALA A 245 -8.14 -3.59 -6.73
CA ALA A 245 -9.58 -3.41 -6.64
C ALA A 245 -10.36 -4.68 -6.94
N GLU A 246 -9.68 -5.80 -7.17
CA GLU A 246 -10.34 -7.08 -7.42
C GLU A 246 -10.52 -7.79 -6.10
N PHE A 247 -11.77 -7.99 -5.68
CA PHE A 247 -12.10 -8.56 -4.39
C PHE A 247 -13.07 -9.72 -4.57
N THR A 248 -13.18 -10.52 -3.51
CA THR A 248 -14.12 -11.63 -3.46
C THR A 248 -14.92 -11.54 -2.17
N TYR A 249 -16.12 -12.14 -2.20
CA TYR A 249 -16.98 -12.25 -1.03
C TYR A 249 -16.85 -13.66 -0.46
N SER A 250 -16.92 -13.74 0.87
CA SER A 250 -16.78 -15.02 1.56
C SER A 250 -17.63 -14.98 2.82
N PHE A 251 -18.08 -16.15 3.25
CA PHE A 251 -18.87 -16.27 4.48
C PHE A 251 -17.93 -16.22 5.66
N LEU A 252 -17.83 -15.05 6.29
CA LEU A 252 -17.04 -14.94 7.51
C LEU A 252 -17.71 -15.69 8.66
N GLY A 253 -19.04 -15.72 8.70
CA GLY A 253 -19.73 -16.48 9.71
C GLY A 253 -19.46 -17.97 9.57
N VAL A 254 -19.39 -18.64 10.71
CA VAL A 254 -19.05 -20.06 10.77
C VAL A 254 -20.32 -20.88 10.88
N ALA A 255 -20.33 -22.03 10.19
CA ALA A 255 -21.41 -23.02 10.22
C ALA A 255 -22.72 -22.54 9.62
N ASN A 256 -22.80 -21.26 9.23
CA ASN A 256 -23.99 -20.77 8.56
C ASN A 256 -23.95 -21.00 7.05
N LYS A 257 -22.84 -21.51 6.52
CA LYS A 257 -22.75 -21.86 5.12
C LYS A 257 -23.40 -23.21 4.81
N ALA A 258 -23.95 -23.89 5.81
CA ALA A 258 -24.59 -25.18 5.55
C ALA A 258 -25.93 -25.00 4.85
N GLN A 259 -26.62 -23.88 5.11
CA GLN A 259 -27.91 -23.60 4.51
C GLN A 259 -27.84 -22.61 3.35
N PHE A 260 -26.70 -21.94 3.16
CA PHE A 260 -26.58 -20.93 2.12
C PHE A 260 -25.27 -21.08 1.38
N SER A 261 -25.30 -20.73 0.10
CA SER A 261 -24.12 -20.72 -0.75
C SER A 261 -23.92 -19.32 -1.31
N LEU A 262 -22.67 -18.97 -1.59
CA LEU A 262 -22.33 -17.62 -2.03
C LEU A 262 -21.33 -17.71 -3.19
N ASP A 263 -21.76 -17.25 -4.36
CA ASP A 263 -20.85 -17.10 -5.50
C ASP A 263 -19.98 -15.87 -5.27
N PRO A 264 -18.66 -16.02 -5.15
CA PRO A 264 -17.82 -14.85 -4.83
C PRO A 264 -17.65 -13.88 -5.99
N ILE A 265 -17.55 -14.37 -7.22
CA ILE A 265 -17.32 -13.49 -8.37
C ILE A 265 -18.57 -12.67 -8.66
N THR A 266 -19.72 -13.34 -8.74
CA THR A 266 -20.98 -12.64 -8.95
C THR A 266 -21.46 -11.95 -7.69
N GLY A 267 -20.97 -12.37 -6.53
CA GLY A 267 -21.40 -11.78 -5.28
C GLY A 267 -22.81 -12.20 -4.92
N ASP A 268 -23.16 -13.45 -5.19
CA ASP A 268 -24.54 -13.91 -5.05
C ASP A 268 -24.70 -14.71 -3.77
N ILE A 269 -25.80 -14.46 -3.07
CA ILE A 269 -26.23 -15.30 -1.94
C ILE A 269 -27.46 -16.05 -2.39
N VAL A 270 -27.36 -17.38 -2.38
CA VAL A 270 -28.44 -18.28 -2.75
C VAL A 270 -28.67 -19.27 -1.62
N THR A 271 -29.87 -19.87 -1.62
CA THR A 271 -30.26 -20.81 -0.59
C THR A 271 -29.87 -22.24 -0.96
N ARG A 272 -29.17 -22.92 -0.04
CA ARG A 272 -28.83 -24.31 -0.25
C ARG A 272 -30.03 -25.23 -0.03
N GLN A 273 -30.83 -24.99 1.00
CA GLN A 273 -31.91 -25.89 1.37
C GLN A 273 -33.15 -25.09 1.75
N SER A 274 -34.27 -25.81 1.84
CA SER A 274 -35.55 -25.20 2.18
C SER A 274 -35.52 -24.64 3.60
N LEU A 275 -36.32 -23.62 3.81
CA LEU A 275 -36.44 -22.97 5.11
C LEU A 275 -37.67 -23.49 5.85
N ASP A 276 -37.55 -23.57 7.17
CA ASP A 276 -38.63 -24.01 8.03
C ASP A 276 -38.83 -22.96 9.12
N PHE A 277 -40.01 -22.33 9.13
CA PHE A 277 -40.28 -21.29 10.12
C PHE A 277 -40.26 -21.84 11.54
N GLU A 278 -40.67 -23.09 11.72
CA GLU A 278 -40.70 -23.68 13.06
C GLU A 278 -39.29 -23.99 13.58
N GLU A 279 -38.34 -24.22 12.69
CA GLU A 279 -36.98 -24.51 13.12
C GLU A 279 -36.19 -23.24 13.38
N VAL A 280 -36.04 -22.39 12.37
CA VAL A 280 -35.29 -21.14 12.49
C VAL A 280 -36.15 -20.02 11.93
N GLU A 281 -36.42 -19.01 12.76
CA GLU A 281 -37.26 -17.90 12.33
C GLU A 281 -36.47 -16.85 11.56
N GLN A 282 -35.22 -16.61 11.96
CA GLN A 282 -34.40 -15.58 11.33
C GLN A 282 -32.95 -16.04 11.26
N TYR A 283 -32.27 -15.65 10.19
CA TYR A 283 -30.85 -15.95 10.00
C TYR A 283 -30.06 -14.65 10.01
N THR A 284 -28.86 -14.70 10.58
CA THR A 284 -27.94 -13.56 10.58
C THR A 284 -26.56 -14.08 10.18
N ILE A 285 -26.09 -13.68 9.01
CA ILE A 285 -24.81 -14.15 8.48
C ILE A 285 -23.89 -12.96 8.29
N ASP A 286 -22.65 -13.09 8.79
CA ASP A 286 -21.64 -12.05 8.64
C ASP A 286 -20.78 -12.40 7.43
N VAL A 287 -20.87 -11.58 6.38
CA VAL A 287 -20.17 -11.82 5.12
C VAL A 287 -19.08 -10.77 4.96
N GLU A 288 -17.93 -11.20 4.46
CA GLU A 288 -16.74 -10.38 4.31
C GLU A 288 -16.38 -10.24 2.85
N ALA A 289 -15.80 -9.09 2.50
CA ALA A 289 -15.28 -8.83 1.16
C ALA A 289 -13.81 -8.44 1.29
N LYS A 290 -12.94 -9.16 0.58
CA LYS A 290 -11.50 -8.94 0.68
C LYS A 290 -10.89 -8.91 -0.71
N ASP A 291 -9.98 -7.97 -0.94
CA ASP A 291 -9.31 -7.81 -2.22
C ASP A 291 -8.12 -8.76 -2.31
N ARG A 292 -7.24 -8.54 -3.29
CA ARG A 292 -6.03 -9.37 -3.40
C ARG A 292 -5.05 -9.07 -2.27
N GLY A 293 -5.15 -7.91 -1.64
CA GLY A 293 -4.49 -7.67 -0.38
C GLY A 293 -5.34 -8.27 0.72
N SER A 294 -5.12 -7.80 1.94
CA SER A 294 -5.94 -8.22 3.07
C SER A 294 -6.88 -7.11 3.55
N LEU A 295 -7.06 -6.06 2.76
CA LEU A 295 -8.07 -5.06 3.09
C LEU A 295 -9.44 -5.66 2.86
N SER A 296 -10.24 -5.73 3.94
CA SER A 296 -11.53 -6.38 3.90
C SER A 296 -12.53 -5.53 4.66
N SER A 297 -13.78 -5.60 4.23
CA SER A 297 -14.88 -4.99 4.97
C SER A 297 -15.97 -6.03 5.16
N GLN A 298 -16.67 -5.93 6.30
CA GLN A 298 -17.67 -6.90 6.69
C GLN A 298 -19.04 -6.25 6.75
N CYS A 299 -20.07 -7.04 6.44
CA CYS A 299 -21.44 -6.58 6.60
C CYS A 299 -22.31 -7.74 7.03
N LYS A 300 -23.47 -7.42 7.60
CA LYS A 300 -24.39 -8.40 8.16
C LYS A 300 -25.60 -8.53 7.25
N VAL A 301 -25.97 -9.77 6.94
CA VAL A 301 -27.14 -10.07 6.14
C VAL A 301 -28.18 -10.72 7.07
N ILE A 302 -29.38 -10.13 7.09
CA ILE A 302 -30.45 -10.54 7.98
C ILE A 302 -31.58 -11.10 7.12
N ILE A 303 -32.08 -12.28 7.48
CA ILE A 303 -33.13 -12.96 6.74
C ILE A 303 -34.27 -13.27 7.70
N GLU A 304 -35.47 -12.83 7.33
CA GLU A 304 -36.68 -13.08 8.12
C GLU A 304 -37.50 -14.13 7.38
N VAL A 305 -37.80 -15.23 8.07
CA VAL A 305 -38.55 -16.34 7.48
C VAL A 305 -40.03 -16.14 7.79
N LEU A 306 -40.86 -16.17 6.76
CA LEU A 306 -42.30 -15.98 6.90
C LEU A 306 -42.99 -17.33 7.09
N ASP A 307 -43.90 -17.40 8.05
CA ASP A 307 -44.59 -18.65 8.34
C ASP A 307 -45.63 -18.95 7.28
N GLU A 308 -45.60 -20.18 6.76
CA GLU A 308 -46.58 -20.66 5.80
C GLU A 308 -47.36 -21.82 6.42
N ASN A 309 -48.62 -21.96 6.01
CA ASN A 309 -49.48 -23.01 6.52
C ASN A 309 -49.15 -24.30 5.76
N ASP A 310 -48.11 -24.98 6.25
CA ASP A 310 -47.65 -26.22 5.65
C ASP A 310 -47.72 -27.41 6.61
N ASN A 311 -48.24 -27.22 7.82
CA ASN A 311 -48.43 -28.29 8.79
C ASN A 311 -49.90 -28.37 9.12
N ARG A 312 -50.52 -29.51 8.80
CA ARG A 312 -51.94 -29.66 9.08
C ARG A 312 -52.17 -29.90 10.57
N PRO A 313 -53.27 -29.41 11.12
CA PRO A 313 -53.53 -29.61 12.55
C PRO A 313 -53.87 -31.06 12.85
N GLU A 314 -53.39 -31.53 13.99
CA GLU A 314 -53.59 -32.90 14.43
C GLU A 314 -54.52 -32.89 15.64
N ILE A 315 -55.51 -33.78 15.64
CA ILE A 315 -56.43 -33.93 16.75
C ILE A 315 -55.90 -35.01 17.68
N ILE A 316 -55.79 -34.67 18.96
CA ILE A 316 -55.35 -35.61 19.99
C ILE A 316 -56.42 -35.66 21.06
N ILE A 317 -57.09 -36.80 21.16
CA ILE A 317 -58.09 -37.00 22.21
C ILE A 317 -57.36 -37.19 23.54
N THR A 318 -57.59 -36.27 24.47
CA THR A 318 -56.94 -36.37 25.77
C THR A 318 -57.45 -37.57 26.56
N SER A 319 -58.77 -37.69 26.69
CA SER A 319 -59.35 -38.80 27.44
C SER A 319 -60.75 -39.08 26.91
N LEU A 320 -61.19 -40.32 27.13
CA LEU A 320 -62.49 -40.77 26.66
C LEU A 320 -62.96 -41.92 27.53
N SER A 321 -64.27 -41.98 27.73
CA SER A 321 -64.92 -43.07 28.45
C SER A 321 -65.62 -43.92 27.41
N ASP A 322 -65.15 -45.17 27.24
CA ASP A 322 -65.73 -46.05 26.23
C ASP A 322 -67.19 -46.37 26.54
N GLN A 323 -67.49 -46.62 27.81
CA GLN A 323 -68.83 -46.98 28.25
C GLN A 323 -69.43 -45.80 29.00
N ILE A 324 -70.65 -45.42 28.61
CA ILE A 324 -71.38 -44.35 29.29
C ILE A 324 -72.79 -44.87 29.57
N SER A 325 -73.44 -44.23 30.53
CA SER A 325 -74.75 -44.66 30.96
C SER A 325 -75.81 -44.22 29.94
N GLU A 326 -76.76 -45.12 29.68
CA GLU A 326 -77.80 -44.82 28.70
C GLU A 326 -78.69 -43.68 29.16
N ASP A 327 -78.92 -43.58 30.47
CA ASP A 327 -79.76 -42.53 31.01
C ASP A 327 -78.98 -41.24 31.21
N SER A 328 -77.93 -41.02 30.43
CA SER A 328 -77.11 -39.83 30.62
C SER A 328 -77.93 -38.59 30.25
N PRO A 329 -77.91 -37.54 31.07
CA PRO A 329 -78.71 -36.34 30.79
C PRO A 329 -78.14 -35.52 29.64
N SER A 330 -78.89 -34.49 29.26
CA SER A 330 -78.43 -33.58 28.22
C SER A 330 -77.19 -32.83 28.69
N GLY A 331 -76.28 -32.58 27.77
CA GLY A 331 -75.04 -31.91 28.12
C GLY A 331 -74.07 -32.77 28.88
N THR A 332 -74.25 -34.08 28.86
CA THR A 332 -73.33 -34.96 29.56
C THR A 332 -72.01 -35.00 28.80
N VAL A 333 -70.91 -34.73 29.50
CA VAL A 333 -69.60 -34.75 28.86
C VAL A 333 -69.19 -36.20 28.61
N VAL A 334 -68.69 -36.47 27.39
CA VAL A 334 -68.33 -37.82 26.98
C VAL A 334 -66.85 -37.92 26.61
N ALA A 335 -66.27 -36.88 26.02
CA ALA A 335 -64.90 -36.96 25.55
C ALA A 335 -64.20 -35.63 25.73
N LEU A 336 -62.87 -35.71 25.81
CA LEU A 336 -61.99 -34.55 25.92
C LEU A 336 -60.96 -34.66 24.81
N PHE A 337 -60.78 -33.59 24.04
CA PHE A 337 -59.74 -33.62 23.01
C PHE A 337 -59.21 -32.22 22.77
N LYS A 338 -57.98 -32.15 22.25
CA LYS A 338 -57.33 -30.89 21.95
C LYS A 338 -56.67 -30.98 20.58
N VAL A 339 -56.45 -29.81 19.98
CA VAL A 339 -55.91 -29.69 18.63
C VAL A 339 -54.52 -29.06 18.71
N ARG A 340 -53.55 -29.67 18.03
CA ARG A 340 -52.19 -29.15 17.99
C ARG A 340 -51.84 -28.77 16.57
N ASP A 341 -51.30 -27.58 16.39
CA ASP A 341 -50.85 -27.11 15.09
C ASP A 341 -49.49 -26.44 15.28
N ARG A 342 -48.48 -26.93 14.55
CA ARG A 342 -47.13 -26.41 14.73
C ARG A 342 -46.98 -24.99 14.17
N ASP A 343 -47.80 -24.60 13.20
CA ASP A 343 -47.70 -23.28 12.60
C ASP A 343 -48.05 -22.21 13.64
N SER A 344 -47.93 -20.94 13.20
CA SER A 344 -48.13 -19.81 14.09
C SER A 344 -49.03 -18.78 13.41
N GLY A 345 -49.61 -17.90 14.23
CA GLY A 345 -50.43 -16.83 13.71
C GLY A 345 -51.78 -17.35 13.22
N GLU A 346 -52.28 -16.74 12.14
CA GLU A 346 -53.52 -17.21 11.54
C GLU A 346 -53.40 -18.62 11.03
N ASN A 347 -52.20 -19.06 10.67
CA ASN A 347 -51.96 -20.43 10.26
C ASN A 347 -52.12 -21.42 11.41
N ALA A 348 -52.21 -20.95 12.65
CA ALA A 348 -52.38 -21.82 13.81
C ALA A 348 -53.83 -21.93 14.26
N GLU A 349 -54.67 -20.96 13.94
CA GLU A 349 -56.08 -21.02 14.32
C GLU A 349 -56.79 -22.15 13.58
N VAL A 350 -57.60 -22.91 14.32
CA VAL A 350 -58.27 -24.08 13.77
C VAL A 350 -59.76 -24.02 14.12
N MET A 351 -60.55 -24.72 13.30
CA MET A 351 -61.99 -24.86 13.51
C MET A 351 -62.36 -26.32 13.29
N CYS A 352 -63.05 -26.91 14.25
CA CYS A 352 -63.43 -28.31 14.18
C CYS A 352 -64.94 -28.46 14.06
N SER A 353 -65.36 -29.54 13.42
CA SER A 353 -66.77 -29.81 13.16
C SER A 353 -67.03 -31.31 13.32
N LEU A 354 -68.26 -31.63 13.67
CA LEU A 354 -68.72 -33.01 13.80
C LEU A 354 -69.39 -33.47 12.51
N SER A 355 -69.90 -34.70 12.54
CA SER A 355 -70.57 -35.25 11.36
C SER A 355 -71.95 -34.64 11.18
N GLY A 356 -72.70 -34.49 12.28
CA GLY A 356 -74.06 -34.01 12.26
C GLY A 356 -75.07 -35.12 12.45
N ASN A 357 -74.74 -36.34 12.00
CA ASN A 357 -75.60 -37.49 12.27
C ASN A 357 -75.66 -37.79 13.75
N ASN A 358 -74.52 -37.68 14.44
CA ASN A 358 -74.48 -37.89 15.88
C ASN A 358 -75.24 -36.80 16.62
N PRO A 359 -75.81 -37.11 17.78
CA PRO A 359 -76.46 -36.09 18.60
C PRO A 359 -75.51 -35.21 19.39
N PHE A 360 -74.23 -35.55 19.43
CA PHE A 360 -73.27 -34.85 20.28
C PHE A 360 -72.99 -33.43 19.78
N LYS A 361 -72.54 -32.58 20.70
CA LYS A 361 -72.25 -31.19 20.42
C LYS A 361 -70.89 -30.83 21.01
N ILE A 362 -70.27 -29.81 20.43
CA ILE A 362 -68.93 -29.39 20.81
C ILE A 362 -69.01 -28.24 21.81
N HIS A 363 -68.05 -28.23 22.74
CA HIS A 363 -67.88 -27.17 23.72
C HIS A 363 -66.40 -26.88 23.80
N SER A 364 -66.07 -25.65 24.22
CA SER A 364 -64.70 -25.17 24.31
C SER A 364 -64.35 -24.89 25.75
N SER A 365 -63.27 -25.51 26.23
CA SER A 365 -62.89 -25.30 27.61
C SER A 365 -61.94 -24.12 27.71
N SER A 366 -60.97 -24.07 26.81
CA SER A 366 -60.32 -22.83 26.42
C SER A 366 -59.74 -23.06 25.02
N ASN A 367 -58.98 -22.08 24.55
CA ASN A 367 -58.47 -22.10 23.18
C ASN A 367 -57.66 -23.35 22.91
N ASN A 368 -57.93 -23.99 21.76
CA ASN A 368 -57.30 -25.22 21.30
C ASN A 368 -57.63 -26.43 22.16
N TYR A 369 -58.65 -26.34 23.01
CA TYR A 369 -59.11 -27.46 23.81
C TYR A 369 -60.62 -27.53 23.66
N TYR A 370 -61.14 -28.72 23.42
CA TYR A 370 -62.55 -28.89 23.13
C TYR A 370 -63.12 -30.06 23.91
N LYS A 371 -64.33 -29.87 24.44
CA LYS A 371 -65.06 -30.91 25.14
C LYS A 371 -66.20 -31.40 24.27
N LEU A 372 -66.34 -32.72 24.16
CA LEU A 372 -67.42 -33.33 23.42
C LEU A 372 -68.52 -33.75 24.41
N VAL A 373 -69.70 -33.17 24.27
CA VAL A 373 -70.82 -33.46 25.16
C VAL A 373 -71.98 -33.96 24.32
N THR A 374 -73.08 -34.36 24.97
CA THR A 374 -74.28 -34.80 24.27
C THR A 374 -75.43 -33.87 24.60
N ASP A 375 -75.97 -33.21 23.58
CA ASP A 375 -77.02 -32.21 23.80
C ASP A 375 -78.39 -32.86 24.04
N SER A 376 -78.68 -33.97 23.38
CA SER A 376 -79.96 -34.63 23.51
C SER A 376 -79.75 -36.08 23.92
N ILE A 377 -80.56 -36.55 24.87
CA ILE A 377 -80.47 -37.93 25.34
C ILE A 377 -81.00 -38.86 24.26
N LEU A 378 -80.43 -40.06 24.20
CA LEU A 378 -80.84 -41.09 23.25
C LEU A 378 -81.10 -42.39 23.99
N ASP A 379 -81.93 -43.24 23.40
CA ASP A 379 -82.23 -44.54 23.96
C ASP A 379 -81.25 -45.58 23.46
N ARG A 380 -80.86 -46.49 24.33
CA ARG A 380 -79.91 -47.53 23.95
C ARG A 380 -80.50 -48.46 22.89
N GLU A 381 -81.81 -48.72 22.94
CA GLU A 381 -82.43 -49.58 21.93
C GLU A 381 -82.47 -48.90 20.56
N GLN A 382 -82.54 -47.57 20.52
CA GLN A 382 -82.56 -46.87 19.25
C GLN A 382 -81.22 -47.01 18.52
N THR A 383 -80.13 -46.61 19.17
CA THR A 383 -78.79 -46.72 18.61
C THR A 383 -77.79 -47.06 19.70
N PRO A 384 -77.28 -48.29 19.73
CA PRO A 384 -76.34 -48.68 20.79
C PRO A 384 -74.96 -48.06 20.63
N GLY A 385 -74.39 -48.15 19.43
CA GLY A 385 -73.06 -47.66 19.16
C GLY A 385 -73.04 -46.49 18.19
N TYR A 386 -71.98 -45.69 18.25
CA TYR A 386 -71.86 -44.50 17.42
C TYR A 386 -70.44 -44.36 16.92
N ASN A 387 -70.27 -44.12 15.62
CA ASN A 387 -69.01 -43.65 15.08
C ASN A 387 -69.16 -42.18 14.75
N VAL A 388 -68.22 -41.36 15.22
CA VAL A 388 -68.22 -39.94 14.92
C VAL A 388 -66.83 -39.54 14.45
N THR A 389 -66.78 -38.84 13.32
CA THR A 389 -65.53 -38.36 12.74
C THR A 389 -65.45 -36.85 12.91
N ILE A 390 -64.44 -36.41 13.64
CA ILE A 390 -64.22 -34.99 13.90
C ILE A 390 -63.25 -34.46 12.85
N THR A 391 -63.57 -33.30 12.29
CA THR A 391 -62.76 -32.67 11.25
C THR A 391 -62.16 -31.38 11.80
N ALA A 392 -60.85 -31.25 11.68
CA ALA A 392 -60.12 -30.06 12.11
C ALA A 392 -59.55 -29.37 10.88
N THR A 393 -59.96 -28.12 10.67
CA THR A 393 -59.58 -27.34 9.51
C THR A 393 -58.74 -26.15 9.96
N ASP A 394 -57.72 -25.84 9.17
CA ASP A 394 -56.82 -24.73 9.44
C ASP A 394 -57.25 -23.49 8.68
N ARG A 395 -57.13 -22.32 9.32
CA ARG A 395 -57.66 -21.09 8.75
C ARG A 395 -56.68 -20.40 7.81
N GLY A 396 -55.39 -20.76 7.87
CA GLY A 396 -54.44 -20.19 6.93
C GLY A 396 -54.63 -20.78 5.53
N LYS A 397 -54.49 -19.91 4.53
CA LYS A 397 -54.70 -20.32 3.14
C LYS A 397 -53.42 -20.89 2.55
N PRO A 398 -53.49 -22.06 1.90
CA PRO A 398 -54.67 -22.92 1.73
C PRO A 398 -55.00 -23.73 2.98
N PRO A 399 -56.28 -23.81 3.31
CA PRO A 399 -56.68 -24.53 4.53
C PRO A 399 -56.29 -26.01 4.48
N LEU A 400 -55.92 -26.54 5.64
CA LEU A 400 -55.53 -27.93 5.78
C LEU A 400 -56.35 -28.54 6.90
N SER A 401 -56.82 -29.77 6.68
CA SER A 401 -57.73 -30.42 7.60
C SER A 401 -57.35 -31.87 7.80
N SER A 402 -57.51 -32.36 9.04
CA SER A 402 -57.33 -33.76 9.37
C SER A 402 -58.57 -34.23 10.14
N SER A 403 -58.94 -35.50 9.94
CA SER A 403 -60.11 -36.06 10.57
C SER A 403 -59.73 -37.24 11.44
N THR A 404 -60.48 -37.43 12.52
CA THR A 404 -60.26 -38.56 13.44
C THR A 404 -61.60 -39.14 13.84
N THR A 405 -61.76 -40.45 13.66
CA THR A 405 -63.00 -41.15 13.96
C THR A 405 -62.89 -41.90 15.28
N ILE A 406 -63.81 -41.63 16.20
CA ILE A 406 -63.88 -42.31 17.48
C ILE A 406 -65.22 -43.02 17.60
N THR A 407 -65.22 -44.12 18.35
CA THR A 407 -66.39 -44.98 18.53
C THR A 407 -66.82 -44.94 19.99
N LEU A 408 -68.12 -44.79 20.21
CA LEU A 408 -68.71 -44.74 21.53
C LEU A 408 -69.75 -45.86 21.67
N ASN A 409 -69.68 -46.60 22.77
CA ASN A 409 -70.60 -47.69 23.04
C ASN A 409 -71.39 -47.39 24.30
N VAL A 410 -72.65 -47.83 24.32
CA VAL A 410 -73.50 -47.65 25.48
C VAL A 410 -73.81 -48.99 26.14
N PRO B 2 -57.83 -18.72 34.01
CA PRO B 2 -56.65 -19.59 34.10
C PRO B 2 -55.76 -19.25 35.29
N VAL B 3 -55.62 -20.20 36.22
CA VAL B 3 -54.75 -19.98 37.37
C VAL B 3 -53.31 -19.89 36.91
N ARG B 4 -52.54 -18.99 37.52
CA ARG B 4 -51.19 -18.68 37.07
C ARG B 4 -50.20 -18.97 38.20
N TYR B 5 -49.17 -19.75 37.89
CA TYR B 5 -48.12 -20.10 38.83
C TYR B 5 -46.78 -19.71 38.23
N SER B 6 -45.98 -18.95 38.99
CA SER B 6 -44.69 -18.47 38.52
C SER B 6 -43.58 -19.19 39.27
N ILE B 7 -42.73 -19.90 38.53
CA ILE B 7 -41.59 -20.60 39.13
C ILE B 7 -40.36 -20.42 38.26
N PRO B 8 -39.20 -20.36 38.88
CA PRO B 8 -37.96 -20.31 38.11
C PRO B 8 -37.63 -21.65 37.48
N GLU B 9 -36.82 -21.61 36.43
CA GLU B 9 -36.43 -22.83 35.74
C GLU B 9 -35.38 -23.59 36.55
N GLU B 10 -35.07 -24.80 36.07
CA GLU B 10 -33.99 -25.62 36.62
C GLU B 10 -34.21 -25.92 38.10
N LEU B 11 -35.46 -26.17 38.46
CA LEU B 11 -35.80 -26.56 39.82
C LEU B 11 -35.69 -28.07 39.99
N ASP B 12 -35.27 -28.49 41.18
CA ASP B 12 -35.10 -29.90 41.47
C ASP B 12 -36.46 -30.61 41.48
N ARG B 13 -36.45 -31.89 41.16
CA ARG B 13 -37.69 -32.66 41.12
C ARG B 13 -38.32 -32.72 42.52
N GLY B 14 -39.64 -32.64 42.55
CA GLY B 14 -40.39 -32.63 43.79
C GLY B 14 -40.70 -31.27 44.35
N SER B 15 -40.13 -30.20 43.81
CA SER B 15 -40.44 -28.87 44.28
C SER B 15 -41.89 -28.50 43.92
N VAL B 16 -42.48 -27.64 44.73
CA VAL B 16 -43.90 -27.31 44.60
C VAL B 16 -44.07 -26.13 43.66
N VAL B 17 -44.92 -26.31 42.65
CA VAL B 17 -45.28 -25.20 41.77
C VAL B 17 -46.36 -24.34 42.41
N GLY B 18 -47.47 -24.96 42.78
CA GLY B 18 -48.57 -24.25 43.41
C GLY B 18 -49.63 -25.23 43.86
N LYS B 19 -50.45 -24.77 44.80
CA LYS B 19 -51.55 -25.58 45.35
C LYS B 19 -52.65 -25.63 44.29
N LEU B 20 -52.54 -26.58 43.38
CA LEU B 20 -53.48 -26.67 42.26
C LEU B 20 -54.86 -27.13 42.73
N ALA B 21 -54.92 -28.11 43.63
CA ALA B 21 -56.21 -28.58 44.11
C ALA B 21 -56.89 -27.53 44.98
N LYS B 22 -56.12 -26.85 45.83
CA LYS B 22 -56.70 -25.79 46.65
C LYS B 22 -57.20 -24.64 45.78
N ASP B 23 -56.51 -24.36 44.67
CA ASP B 23 -56.95 -23.30 43.77
C ASP B 23 -58.19 -23.72 42.98
N LEU B 24 -58.30 -24.99 42.61
CA LEU B 24 -59.47 -25.46 41.87
C LEU B 24 -60.68 -25.66 42.77
N GLY B 25 -60.50 -25.62 44.09
CA GLY B 25 -61.58 -25.89 45.02
C GLY B 25 -61.81 -27.35 45.34
N LEU B 26 -60.96 -28.25 44.87
CA LEU B 26 -61.13 -29.68 45.11
C LEU B 26 -60.35 -30.12 46.35
N SER B 27 -60.90 -31.13 47.04
CA SER B 27 -60.26 -31.68 48.21
C SER B 27 -59.47 -32.93 47.86
N VAL B 28 -58.67 -33.39 48.82
CA VAL B 28 -57.88 -34.61 48.62
C VAL B 28 -58.78 -35.76 48.20
N LEU B 29 -59.96 -35.86 48.82
CA LEU B 29 -60.89 -36.93 48.47
C LEU B 29 -61.34 -36.82 47.01
N GLU B 30 -61.56 -35.61 46.52
CA GLU B 30 -61.94 -35.44 45.12
C GLU B 30 -60.75 -35.60 44.17
N VAL B 31 -59.54 -35.24 44.62
CA VAL B 31 -58.36 -35.46 43.80
C VAL B 31 -58.09 -36.96 43.62
N SER B 32 -58.29 -37.74 44.68
CA SER B 32 -58.12 -39.18 44.57
C SER B 32 -59.27 -39.84 43.82
N ALA B 33 -60.51 -39.44 44.12
CA ALA B 33 -61.67 -40.05 43.49
C ALA B 33 -61.70 -39.76 41.99
N ARG B 34 -61.79 -38.48 41.62
CA ARG B 34 -61.65 -38.08 40.22
C ARG B 34 -60.18 -38.16 39.84
N LYS B 35 -59.85 -39.05 38.91
CA LYS B 35 -58.48 -39.23 38.47
C LYS B 35 -57.88 -37.90 38.01
N LEU B 36 -56.96 -37.35 38.80
CA LEU B 36 -56.35 -36.06 38.50
C LEU B 36 -55.06 -36.28 37.74
N ARG B 37 -55.01 -35.81 36.50
CA ARG B 37 -53.82 -35.91 35.68
C ARG B 37 -53.49 -34.52 35.15
N VAL B 38 -52.21 -34.25 34.95
CA VAL B 38 -51.76 -32.98 34.40
C VAL B 38 -50.98 -33.27 33.13
N SER B 39 -51.30 -32.53 32.07
CA SER B 39 -50.72 -32.76 30.74
C SER B 39 -50.22 -31.44 30.18
N ALA B 40 -49.00 -31.46 29.66
CA ALA B 40 -48.37 -30.34 28.99
C ALA B 40 -48.03 -30.75 27.57
N GLU B 41 -47.46 -29.82 26.80
CA GLU B 41 -47.06 -30.14 25.45
C GLU B 41 -45.90 -31.14 25.46
N LYS B 42 -44.78 -30.78 26.08
CA LYS B 42 -43.63 -31.66 26.16
C LYS B 42 -43.11 -31.83 27.59
N LEU B 43 -43.84 -31.35 28.59
CA LEU B 43 -43.44 -31.45 29.98
C LEU B 43 -44.37 -32.36 30.76
N HIS B 44 -43.85 -32.93 31.85
CA HIS B 44 -44.60 -33.81 32.72
C HIS B 44 -44.53 -33.28 34.15
N PHE B 45 -45.66 -33.29 34.84
CA PHE B 45 -45.74 -32.89 36.22
C PHE B 45 -46.40 -33.99 37.05
N SER B 46 -45.98 -34.11 38.31
CA SER B 46 -46.48 -35.16 39.19
C SER B 46 -47.24 -34.52 40.35
N VAL B 47 -48.37 -35.12 40.71
CA VAL B 47 -49.18 -34.68 41.84
C VAL B 47 -49.35 -35.86 42.79
N ASP B 48 -48.95 -35.67 44.05
CA ASP B 48 -49.07 -36.71 45.06
C ASP B 48 -50.43 -36.64 45.72
N SER B 49 -50.98 -37.81 46.05
CA SER B 49 -52.30 -37.86 46.67
C SER B 49 -52.32 -37.29 48.08
N GLU B 50 -51.17 -37.27 48.77
CA GLU B 50 -51.16 -36.80 50.15
C GLU B 50 -51.38 -35.29 50.22
N SER B 51 -50.56 -34.52 49.51
CA SER B 51 -50.66 -33.06 49.56
C SER B 51 -51.69 -32.52 48.57
N GLY B 52 -51.81 -33.15 47.41
CA GLY B 52 -52.70 -32.64 46.39
C GLY B 52 -52.22 -31.36 45.74
N ASP B 53 -50.91 -31.16 45.66
CA ASP B 53 -50.34 -29.96 45.06
C ASP B 53 -49.55 -30.34 43.81
N LEU B 54 -49.27 -29.34 42.99
CA LEU B 54 -48.56 -29.55 41.73
C LEU B 54 -47.06 -29.62 42.01
N LEU B 55 -46.44 -30.74 41.64
CA LEU B 55 -45.02 -30.95 41.83
C LEU B 55 -44.36 -31.13 40.47
N VAL B 56 -43.10 -30.71 40.37
CA VAL B 56 -42.36 -30.85 39.12
C VAL B 56 -41.91 -32.30 38.97
N LYS B 57 -42.09 -32.85 37.77
CA LYS B 57 -41.67 -34.21 37.49
C LYS B 57 -40.48 -34.30 36.54
N ASP B 58 -40.18 -33.25 35.79
CA ASP B 58 -39.07 -33.24 34.86
C ASP B 58 -38.26 -31.98 35.09
N ARG B 59 -37.01 -32.01 34.62
CA ARG B 59 -36.21 -30.80 34.65
C ARG B 59 -36.69 -29.85 33.58
N ILE B 60 -36.91 -28.60 33.93
CA ILE B 60 -37.43 -27.59 33.03
C ILE B 60 -36.31 -26.59 32.71
N ASP B 61 -35.94 -26.54 31.43
CA ASP B 61 -34.92 -25.61 30.94
C ASP B 61 -35.65 -24.55 30.12
N ARG B 62 -35.70 -23.33 30.64
CA ARG B 62 -36.48 -22.27 30.00
C ARG B 62 -35.96 -21.99 28.59
N GLU B 63 -34.65 -22.07 28.39
CA GLU B 63 -34.09 -21.83 27.06
C GLU B 63 -34.47 -22.91 26.07
N GLN B 64 -34.88 -24.09 26.53
CA GLN B 64 -35.29 -25.14 25.61
C GLN B 64 -36.70 -24.88 25.08
N ILE B 65 -37.60 -24.44 25.96
CA ILE B 65 -39.01 -24.31 25.61
C ILE B 65 -39.31 -22.93 25.02
N CYS B 66 -38.82 -21.89 25.67
CA CYS B 66 -39.08 -20.53 25.21
C CYS B 66 -38.02 -20.04 24.23
N LYS B 67 -36.82 -20.60 24.26
CA LYS B 67 -35.87 -20.46 23.17
C LYS B 67 -35.68 -19.02 22.70
N GLY B 68 -35.58 -18.09 23.65
CA GLY B 68 -35.41 -16.69 23.33
C GLY B 68 -36.67 -15.86 23.38
N ARG B 69 -37.83 -16.46 23.64
CA ARG B 69 -39.02 -15.66 23.91
C ARG B 69 -38.79 -14.86 25.18
N ARG B 70 -39.07 -13.56 25.13
CA ARG B 70 -38.79 -12.70 26.27
C ARG B 70 -39.62 -13.09 27.48
N LYS B 71 -40.90 -13.39 27.27
CA LYS B 71 -41.81 -13.80 28.35
C LYS B 71 -42.17 -15.26 28.14
N CYS B 72 -41.99 -16.06 29.18
CA CYS B 72 -42.05 -17.51 29.04
C CYS B 72 -43.23 -18.04 29.85
N GLU B 73 -44.07 -18.84 29.21
CA GLU B 73 -45.20 -19.43 29.90
C GLU B 73 -45.50 -20.81 29.32
N LEU B 74 -46.00 -21.68 30.19
CA LEU B 74 -46.36 -23.05 29.84
C LEU B 74 -47.85 -23.25 30.07
N GLN B 75 -48.49 -23.93 29.12
CA GLN B 75 -49.92 -24.21 29.16
C GLN B 75 -50.12 -25.64 29.66
N LEU B 76 -50.51 -25.78 30.92
CA LEU B 76 -50.80 -27.06 31.54
C LEU B 76 -52.30 -27.31 31.53
N GLU B 77 -52.66 -28.60 31.62
CA GLU B 77 -54.05 -29.04 31.59
C GLU B 77 -54.30 -29.98 32.75
N ALA B 78 -55.39 -29.76 33.47
CA ALA B 78 -55.80 -30.62 34.57
C ALA B 78 -57.03 -31.42 34.12
N VAL B 79 -56.92 -32.74 34.14
CA VAL B 79 -57.99 -33.63 33.70
C VAL B 79 -58.49 -34.39 34.92
N LEU B 80 -59.82 -34.44 35.05
CA LEU B 80 -60.50 -35.17 36.11
C LEU B 80 -61.45 -36.16 35.46
N GLU B 81 -61.76 -37.24 36.18
CA GLU B 81 -62.62 -38.29 35.66
C GLU B 81 -63.83 -38.48 36.56
N ASN B 82 -64.98 -38.76 35.95
CA ASN B 82 -66.24 -39.00 36.67
C ASN B 82 -66.58 -37.87 37.64
N PRO B 83 -67.08 -36.74 37.12
CA PRO B 83 -67.21 -36.46 35.69
C PRO B 83 -65.90 -35.91 35.12
N LEU B 84 -65.51 -36.36 33.94
CA LEU B 84 -64.27 -35.88 33.35
C LEU B 84 -64.41 -34.40 33.02
N ASN B 85 -63.39 -33.63 33.40
CA ASN B 85 -63.37 -32.20 33.14
C ASN B 85 -61.94 -31.77 32.89
N ILE B 86 -61.77 -30.64 32.22
CA ILE B 86 -60.46 -30.14 31.81
C ILE B 86 -60.31 -28.68 32.23
N PHE B 87 -59.14 -28.36 32.79
CA PHE B 87 -58.81 -27.02 33.24
C PHE B 87 -57.45 -26.60 32.71
N HIS B 88 -57.25 -25.29 32.66
CA HIS B 88 -56.05 -24.70 32.06
C HIS B 88 -55.26 -23.94 33.12
N VAL B 89 -53.95 -24.18 33.16
CA VAL B 89 -53.04 -23.52 34.09
C VAL B 89 -51.92 -22.88 33.29
N VAL B 90 -51.61 -21.62 33.60
CA VAL B 90 -50.52 -20.90 32.95
C VAL B 90 -49.38 -20.79 33.96
N VAL B 91 -48.20 -21.26 33.58
CA VAL B 91 -47.04 -21.29 34.47
C VAL B 91 -45.94 -20.43 33.84
N GLU B 92 -45.64 -19.29 34.46
CA GLU B 92 -44.57 -18.44 33.99
C GLU B 92 -43.24 -18.92 34.56
N ILE B 93 -42.28 -19.17 33.67
CA ILE B 93 -40.97 -19.69 34.03
C ILE B 93 -39.98 -18.53 34.08
N GLU B 94 -39.45 -18.25 35.26
CA GLU B 94 -38.45 -17.21 35.42
C GLU B 94 -37.07 -17.73 35.01
N ASP B 95 -36.28 -16.86 34.38
CA ASP B 95 -34.95 -17.23 33.93
C ASP B 95 -33.94 -17.14 35.07
N VAL B 96 -33.00 -18.09 35.08
CA VAL B 96 -31.89 -18.10 36.03
C VAL B 96 -30.60 -17.96 35.24
N ASN B 97 -29.64 -17.23 35.81
CA ASN B 97 -28.37 -16.97 35.15
C ASN B 97 -27.41 -18.16 35.31
N ASP B 98 -27.81 -19.29 34.72
CA ASP B 98 -27.02 -20.51 34.76
C ASP B 98 -26.14 -20.69 33.54
N HIS B 99 -26.39 -19.95 32.46
CA HIS B 99 -25.60 -20.03 31.23
C HIS B 99 -24.71 -18.80 31.13
N ALA B 100 -23.42 -19.02 31.08
CA ALA B 100 -22.46 -17.95 30.90
C ALA B 100 -22.25 -17.69 29.41
N PRO B 101 -21.89 -16.46 29.04
CA PRO B 101 -21.57 -16.19 27.63
C PRO B 101 -20.38 -17.02 27.18
N GLN B 102 -20.42 -17.46 25.92
CA GLN B 102 -19.35 -18.27 25.36
C GLN B 102 -19.24 -17.99 23.88
N PHE B 103 -18.02 -18.06 23.38
CA PHE B 103 -17.72 -17.78 21.98
C PHE B 103 -17.75 -19.07 21.16
N PRO B 104 -18.06 -18.97 19.86
CA PRO B 104 -18.06 -20.19 19.02
C PRO B 104 -16.70 -20.87 18.95
N LYS B 105 -15.62 -20.10 18.96
CA LYS B 105 -14.27 -20.63 18.92
C LYS B 105 -13.47 -20.08 20.08
N ASP B 106 -12.52 -20.90 20.56
CA ASP B 106 -11.66 -20.47 21.67
C ASP B 106 -10.77 -19.30 21.24
N GLU B 107 -10.16 -19.41 20.05
CA GLU B 107 -9.27 -18.38 19.53
C GLU B 107 -9.84 -17.83 18.22
N ILE B 108 -9.71 -16.52 18.04
CA ILE B 108 -10.11 -15.85 16.81
C ILE B 108 -8.83 -15.37 16.11
N ASN B 109 -8.59 -15.88 14.91
CA ASN B 109 -7.41 -15.52 14.14
C ASN B 109 -7.81 -14.52 13.05
N LEU B 110 -7.13 -13.38 13.03
CA LEU B 110 -7.49 -12.28 12.13
C LEU B 110 -6.33 -11.86 11.24
N GLU B 111 -6.69 -11.28 10.10
CA GLU B 111 -5.77 -10.66 9.16
C GLU B 111 -6.25 -9.24 8.89
N ILE B 112 -5.46 -8.25 9.28
CA ILE B 112 -5.77 -6.84 9.04
C ILE B 112 -4.62 -6.24 8.26
N SER B 113 -4.94 -5.64 7.13
CA SER B 113 -3.90 -5.07 6.27
C SER B 113 -3.23 -3.89 6.94
N GLU B 114 -1.90 -3.85 6.84
CA GLU B 114 -1.14 -2.74 7.40
C GLU B 114 -1.62 -1.40 6.86
N SER B 115 -2.10 -1.39 5.63
CA SER B 115 -2.60 -0.18 4.99
C SER B 115 -4.02 0.16 5.40
N ASP B 116 -4.53 -0.43 6.47
CA ASP B 116 -5.89 -0.14 6.92
C ASP B 116 -5.94 1.26 7.52
N SER B 117 -6.83 2.10 6.98
CA SER B 117 -6.94 3.47 7.45
C SER B 117 -7.47 3.51 8.89
N PRO B 118 -7.05 4.49 9.68
CA PRO B 118 -7.59 4.62 11.03
C PRO B 118 -9.09 4.88 11.00
N GLY B 119 -9.76 4.45 12.06
CA GLY B 119 -11.20 4.49 12.12
C GLY B 119 -11.89 3.31 11.47
N ALA B 120 -11.15 2.44 10.80
CA ALA B 120 -11.75 1.26 10.20
C ALA B 120 -12.16 0.27 11.27
N ARG B 121 -13.28 -0.40 11.04
CA ARG B 121 -13.88 -1.32 11.99
C ARG B 121 -13.92 -2.72 11.39
N THR B 122 -13.72 -3.73 12.25
CA THR B 122 -13.79 -5.13 11.87
C THR B 122 -14.81 -5.83 12.75
N ILE B 123 -15.75 -6.54 12.12
CA ILE B 123 -16.76 -7.27 12.88
C ILE B 123 -16.14 -8.54 13.42
N LEU B 124 -16.41 -8.83 14.69
CA LEU B 124 -15.86 -9.99 15.38
C LEU B 124 -16.95 -11.02 15.63
N GLU B 125 -16.52 -12.21 16.03
CA GLU B 125 -17.46 -13.27 16.33
C GLU B 125 -18.35 -12.88 17.50
N SER B 126 -19.64 -13.20 17.39
CA SER B 126 -20.59 -12.84 18.43
C SER B 126 -20.55 -13.85 19.56
N ALA B 127 -20.66 -13.36 20.78
CA ALA B 127 -20.76 -14.22 21.95
C ALA B 127 -22.23 -14.53 22.22
N LYS B 128 -22.52 -15.79 22.48
CA LYS B 128 -23.89 -16.25 22.66
C LYS B 128 -24.17 -16.48 24.13
N ASP B 129 -25.30 -15.95 24.60
CA ASP B 129 -25.79 -16.17 25.96
C ASP B 129 -27.26 -16.53 25.83
N LEU B 130 -27.58 -17.81 26.06
CA LEU B 130 -28.95 -18.29 25.86
C LEU B 130 -29.92 -17.67 26.84
N ASP B 131 -29.45 -17.14 27.96
CA ASP B 131 -30.33 -16.46 28.89
C ASP B 131 -30.92 -15.20 28.25
N ILE B 132 -32.02 -14.72 28.82
CA ILE B 132 -32.73 -13.55 28.32
C ILE B 132 -32.80 -12.52 29.44
N GLY B 133 -33.31 -11.33 29.08
CA GLY B 133 -33.45 -10.28 30.05
C GLY B 133 -32.11 -9.77 30.52
N MET B 134 -32.03 -9.46 31.83
CA MET B 134 -30.77 -8.99 32.39
C MET B 134 -29.72 -10.10 32.41
N ASN B 135 -30.13 -11.34 32.63
CA ASN B 135 -29.20 -12.46 32.61
C ASN B 135 -28.58 -12.70 31.25
N SER B 136 -29.08 -12.06 30.19
CA SER B 136 -28.48 -12.19 28.88
C SER B 136 -27.19 -11.39 28.81
N LEU B 137 -26.55 -11.44 27.63
CA LEU B 137 -25.29 -10.74 27.44
C LEU B 137 -25.47 -9.23 27.62
N SER B 138 -24.54 -8.61 28.35
CA SER B 138 -24.64 -7.21 28.70
C SER B 138 -23.65 -6.34 27.94
N LYS B 139 -22.36 -6.63 28.01
CA LYS B 139 -21.38 -5.77 27.36
C LYS B 139 -20.13 -6.57 27.02
N TYR B 140 -19.35 -6.03 26.08
CA TYR B 140 -18.05 -6.56 25.71
C TYR B 140 -16.96 -5.61 26.20
N GLN B 141 -15.84 -6.18 26.63
CA GLN B 141 -14.67 -5.38 26.95
C GLN B 141 -13.41 -6.07 26.45
N LEU B 142 -12.45 -5.24 26.06
CA LEU B 142 -11.22 -5.69 25.41
C LEU B 142 -10.01 -5.26 26.23
N SER B 143 -8.95 -6.04 26.13
CA SER B 143 -7.72 -5.72 26.83
C SER B 143 -7.17 -4.39 26.31
N PRO B 144 -6.57 -3.57 27.18
CA PRO B 144 -6.14 -2.23 26.75
C PRO B 144 -4.95 -2.29 25.80
N ASN B 145 -4.99 -1.43 24.79
CA ASN B 145 -3.91 -1.32 23.82
C ASN B 145 -4.00 0.03 23.14
N ASP B 146 -2.99 0.34 22.34
CA ASP B 146 -2.90 1.62 21.66
C ASP B 146 -3.59 1.62 20.29
N TYR B 147 -3.82 0.46 19.70
CA TYR B 147 -4.26 0.42 18.31
C TYR B 147 -5.78 0.31 18.17
N PHE B 148 -6.42 -0.59 18.90
CA PHE B 148 -7.81 -0.91 18.70
C PHE B 148 -8.66 -0.45 19.89
N LEU B 149 -9.80 0.16 19.58
CA LEU B 149 -10.80 0.49 20.57
C LEU B 149 -12.06 -0.30 20.23
N LEU B 150 -12.67 -0.90 21.24
CA LEU B 150 -13.77 -1.82 20.99
C LEU B 150 -15.10 -1.08 21.05
N LEU B 151 -15.97 -1.42 20.11
CA LEU B 151 -17.32 -0.89 20.03
C LEU B 151 -18.30 -2.05 20.15
N VAL B 152 -19.43 -1.80 20.81
CA VAL B 152 -20.49 -2.79 20.96
C VAL B 152 -21.70 -2.30 20.18
N LYS B 153 -22.10 -3.05 19.18
CA LYS B 153 -23.26 -2.73 18.37
C LYS B 153 -24.26 -3.87 18.53
N ASP B 154 -25.54 -3.55 18.35
CA ASP B 154 -26.57 -4.55 18.50
C ASP B 154 -27.15 -4.83 17.12
N ASN B 155 -27.06 -6.08 16.71
CA ASN B 155 -27.58 -6.51 15.42
C ASN B 155 -29.10 -6.62 15.48
N PRO B 156 -29.77 -6.62 14.33
CA PRO B 156 -31.25 -6.52 14.32
C PRO B 156 -31.96 -7.52 15.22
N ASP B 157 -31.41 -8.72 15.42
CA ASP B 157 -32.11 -9.72 16.24
C ASP B 157 -32.24 -9.28 17.70
N GLY B 158 -31.40 -8.36 18.15
CA GLY B 158 -31.41 -7.89 19.53
C GLY B 158 -30.17 -8.26 20.33
N SER B 159 -29.35 -9.18 19.83
CA SER B 159 -28.13 -9.56 20.51
C SER B 159 -27.11 -8.43 20.42
N LYS B 160 -25.94 -8.67 20.99
CA LYS B 160 -24.84 -7.70 20.99
C LYS B 160 -23.61 -8.34 20.38
N TYR B 161 -23.03 -7.66 19.39
CA TYR B 161 -21.79 -8.11 18.79
C TYR B 161 -20.73 -7.01 18.87
N PRO B 162 -19.47 -7.39 19.05
CA PRO B 162 -18.39 -6.41 19.10
C PRO B 162 -17.73 -6.21 17.75
N GLU B 163 -17.28 -4.97 17.53
CA GLU B 163 -16.50 -4.62 16.36
C GLU B 163 -15.35 -3.74 16.80
N LEU B 164 -14.25 -3.79 16.06
CA LEU B 164 -13.02 -3.09 16.42
C LEU B 164 -12.88 -1.84 15.58
N GLU B 165 -12.64 -0.71 16.23
CA GLU B 165 -12.37 0.55 15.57
C GLU B 165 -10.89 0.85 15.70
N LEU B 166 -10.20 0.97 14.57
CA LEU B 166 -8.76 1.16 14.57
C LEU B 166 -8.44 2.60 14.92
N GLN B 167 -7.67 2.79 15.99
CA GLN B 167 -7.29 4.13 16.44
C GLN B 167 -6.04 4.64 15.74
N LYS B 168 -5.06 3.77 15.51
CA LYS B 168 -3.81 4.13 14.87
C LYS B 168 -3.51 3.16 13.75
N MET B 169 -2.84 3.66 12.72
CA MET B 169 -2.47 2.80 11.60
C MET B 169 -1.47 1.74 12.07
N LEU B 170 -1.64 0.52 11.57
CA LEU B 170 -0.76 -0.55 11.96
C LEU B 170 0.55 -0.47 11.19
N ASP B 171 1.55 -1.21 11.69
CA ASP B 171 2.88 -1.23 11.06
C ASP B 171 3.53 -2.55 11.45
N ARG B 172 3.53 -3.52 10.53
CA ARG B 172 4.12 -4.81 10.83
C ARG B 172 5.64 -4.72 10.97
N GLU B 173 6.27 -3.76 10.31
CA GLU B 173 7.72 -3.60 10.44
C GLU B 173 8.13 -3.22 11.85
N ALA B 174 7.19 -2.73 12.67
CA ALA B 174 7.41 -2.46 14.08
C ALA B 174 6.85 -3.57 14.96
N GLU B 175 5.60 -3.95 14.74
CA GLU B 175 4.96 -5.03 15.48
C GLU B 175 4.21 -5.90 14.48
N SER B 176 4.65 -7.15 14.33
CA SER B 176 4.11 -8.02 13.30
C SER B 176 2.69 -8.46 13.62
N THR B 177 2.46 -8.93 14.85
CA THR B 177 1.16 -9.47 15.23
C THR B 177 0.78 -8.92 16.60
N HIS B 178 -0.51 -9.00 16.90
CA HIS B 178 -1.04 -8.56 18.18
C HIS B 178 -1.92 -9.66 18.77
N HIS B 179 -1.67 -10.02 20.02
CA HIS B 179 -2.48 -11.00 20.72
C HIS B 179 -3.26 -10.29 21.82
N LEU B 180 -4.59 -10.36 21.74
CA LEU B 180 -5.44 -9.63 22.67
C LEU B 180 -6.44 -10.58 23.31
N MET B 181 -6.97 -10.16 24.46
CA MET B 181 -7.97 -10.92 25.21
C MET B 181 -9.29 -10.16 25.15
N LEU B 182 -10.33 -10.85 24.69
CA LEU B 182 -11.66 -10.28 24.55
C LEU B 182 -12.62 -10.98 25.50
N THR B 183 -13.41 -10.20 26.24
CA THR B 183 -14.31 -10.73 27.25
C THR B 183 -15.74 -10.23 27.01
N ALA B 184 -16.70 -11.10 27.31
CA ALA B 184 -18.12 -10.79 27.21
C ALA B 184 -18.76 -11.06 28.56
N VAL B 185 -19.45 -10.05 29.10
CA VAL B 185 -20.03 -10.11 30.44
C VAL B 185 -21.54 -9.92 30.33
N ASP B 186 -22.28 -10.71 31.10
CA ASP B 186 -23.72 -10.62 31.16
C ASP B 186 -24.14 -9.70 32.31
N GLY B 187 -25.44 -9.38 32.36
CA GLY B 187 -25.94 -8.52 33.40
C GLY B 187 -26.59 -9.27 34.55
N GLY B 188 -25.80 -10.06 35.27
CA GLY B 188 -26.28 -10.83 36.39
C GLY B 188 -25.64 -10.41 37.70
N ASP B 189 -26.11 -11.04 38.77
CA ASP B 189 -25.60 -10.76 40.11
C ASP B 189 -25.31 -12.06 40.85
N PRO B 190 -24.06 -12.52 40.83
CA PRO B 190 -22.92 -11.92 40.12
C PRO B 190 -22.92 -12.21 38.61
N PRO B 191 -22.28 -11.35 37.83
CA PRO B 191 -22.22 -11.55 36.38
C PRO B 191 -21.18 -12.60 35.99
N ARG B 192 -21.37 -13.15 34.81
CA ARG B 192 -20.50 -14.19 34.26
C ARG B 192 -19.76 -13.67 33.03
N THR B 193 -18.58 -14.24 32.78
CA THR B 193 -17.72 -13.79 31.69
C THR B 193 -17.31 -14.95 30.81
N GLY B 194 -17.35 -14.74 29.50
CA GLY B 194 -16.77 -15.66 28.54
C GLY B 194 -15.64 -14.99 27.80
N THR B 195 -14.53 -15.72 27.62
CA THR B 195 -13.31 -15.15 27.09
C THR B 195 -12.88 -15.85 25.81
N THR B 196 -12.47 -15.06 24.82
CA THR B 196 -11.77 -15.57 23.65
C THR B 196 -10.52 -14.73 23.40
N GLN B 197 -9.45 -15.38 22.98
CA GLN B 197 -8.19 -14.69 22.70
C GLN B 197 -8.06 -14.49 21.20
N LEU B 198 -8.12 -13.24 20.76
CA LEU B 198 -8.02 -12.91 19.35
C LEU B 198 -6.57 -12.66 18.97
N ARG B 199 -6.12 -13.32 17.90
CA ARG B 199 -4.75 -13.22 17.38
C ARG B 199 -4.79 -12.54 16.02
N ILE B 200 -4.45 -11.26 16.01
CA ILE B 200 -4.48 -10.45 14.79
C ILE B 200 -3.11 -10.50 14.13
N ARG B 201 -3.11 -10.81 12.83
CA ARG B 201 -1.90 -10.83 12.01
C ARG B 201 -1.95 -9.68 11.01
N VAL B 202 -0.89 -8.88 10.99
CA VAL B 202 -0.78 -7.74 10.08
C VAL B 202 -0.07 -8.22 8.82
N VAL B 203 -0.76 -8.14 7.68
CA VAL B 203 -0.16 -8.50 6.40
C VAL B 203 0.67 -7.32 5.93
N ASP B 204 1.68 -7.60 5.12
CA ASP B 204 2.57 -6.54 4.65
C ASP B 204 1.86 -5.61 3.68
N ALA B 205 2.08 -4.32 3.86
CA ALA B 205 1.66 -3.29 2.92
C ALA B 205 2.90 -2.56 2.42
N ASN B 206 2.88 -2.16 1.15
CA ASN B 206 4.04 -1.50 0.53
C ASN B 206 4.08 -0.05 1.00
N ASP B 207 4.60 0.15 2.21
CA ASP B 207 4.73 1.48 2.79
C ASP B 207 6.17 1.83 3.14
N ASN B 208 7.13 0.96 2.79
CA ASN B 208 8.55 1.22 3.03
C ASN B 208 9.29 1.14 1.70
N ARG B 209 10.04 2.18 1.38
CA ARG B 209 10.80 2.22 0.14
C ARG B 209 12.15 1.51 0.30
N PRO B 210 12.66 0.90 -0.79
CA PRO B 210 13.98 0.26 -0.73
C PRO B 210 15.08 1.30 -0.58
N VAL B 211 15.82 1.22 0.52
CA VAL B 211 16.85 2.19 0.87
C VAL B 211 18.23 1.60 0.60
N PHE B 212 19.14 2.42 0.09
CA PHE B 212 20.50 1.99 -0.18
C PHE B 212 21.31 1.92 1.10
N SER B 213 22.40 1.13 1.05
CA SER B 213 23.30 1.03 2.19
C SER B 213 24.07 2.34 2.41
N GLN B 214 24.28 3.12 1.35
CA GLN B 214 24.98 4.38 1.46
C GLN B 214 24.28 5.42 0.59
N ASP B 215 24.26 6.66 1.08
CA ASP B 215 23.69 7.75 0.28
C ASP B 215 24.57 8.10 -0.91
N VAL B 216 25.88 7.96 -0.78
CA VAL B 216 26.81 8.24 -1.87
C VAL B 216 27.87 7.14 -1.90
N TYR B 217 28.14 6.62 -3.09
CA TYR B 217 29.16 5.61 -3.30
C TYR B 217 30.33 6.22 -4.06
N ARG B 218 31.54 5.98 -3.56
CA ARG B 218 32.75 6.55 -4.14
C ARG B 218 33.72 5.43 -4.47
N VAL B 219 34.13 5.36 -5.74
CA VAL B 219 35.12 4.39 -6.20
C VAL B 219 36.15 5.12 -7.05
N ARG B 220 37.34 4.55 -7.12
CA ARG B 220 38.44 5.10 -7.92
C ARG B 220 38.92 4.05 -8.92
N LEU B 221 39.13 4.48 -10.16
CA LEU B 221 39.49 3.59 -11.25
C LEU B 221 40.65 4.17 -12.04
N PRO B 222 41.57 3.33 -12.49
CA PRO B 222 42.56 3.78 -13.48
C PRO B 222 41.98 3.72 -14.88
N GLU B 223 42.41 4.66 -15.72
CA GLU B 223 41.84 4.77 -17.06
C GLU B 223 42.16 3.57 -17.94
N ASP B 224 43.23 2.83 -17.64
CA ASP B 224 43.57 1.64 -18.41
C ASP B 224 42.71 0.44 -18.04
N LEU B 225 41.64 0.65 -17.29
CA LEU B 225 40.74 -0.43 -16.90
C LEU B 225 40.07 -1.03 -18.12
N PRO B 226 40.24 -2.34 -18.37
CA PRO B 226 39.62 -2.96 -19.54
C PRO B 226 38.11 -3.01 -19.39
N PRO B 227 37.36 -2.67 -20.43
CA PRO B 227 35.89 -2.69 -20.33
C PRO B 227 35.35 -4.06 -19.95
N GLY B 228 34.12 -4.06 -19.45
CA GLY B 228 33.49 -5.25 -18.93
C GLY B 228 33.81 -5.57 -17.48
N THR B 229 34.71 -4.80 -16.84
CA THR B 229 35.03 -5.05 -15.45
C THR B 229 33.91 -4.57 -14.55
N THR B 230 33.53 -5.40 -13.57
CA THR B 230 32.50 -5.05 -12.60
C THR B 230 33.08 -4.04 -11.61
N VAL B 231 32.72 -2.77 -11.78
CA VAL B 231 33.27 -1.71 -10.95
C VAL B 231 32.65 -1.71 -9.56
N LEU B 232 31.34 -1.91 -9.47
CA LEU B 232 30.72 -1.81 -8.15
C LEU B 232 29.55 -2.78 -8.04
N ARG B 233 29.14 -3.05 -6.81
CA ARG B 233 27.92 -3.78 -6.49
C ARG B 233 27.14 -2.98 -5.47
N LEU B 234 25.95 -2.52 -5.86
CA LEU B 234 25.15 -1.69 -4.99
C LEU B 234 24.38 -2.55 -3.99
N LYS B 235 24.23 -2.03 -2.78
CA LYS B 235 23.54 -2.72 -1.69
C LYS B 235 22.34 -1.90 -1.26
N ALA B 236 21.16 -2.51 -1.29
CA ALA B 236 19.94 -1.86 -0.86
C ALA B 236 19.03 -2.90 -0.22
N MET B 237 18.17 -2.43 0.68
CA MET B 237 17.24 -3.30 1.39
C MET B 237 15.85 -2.68 1.41
N ASP B 238 14.84 -3.54 1.37
CA ASP B 238 13.45 -3.13 1.45
C ASP B 238 12.84 -3.76 2.70
N GLN B 239 12.45 -2.93 3.65
CA GLN B 239 11.98 -3.42 4.95
C GLN B 239 10.65 -4.15 4.85
N ASP B 240 9.97 -4.10 3.71
CA ASP B 240 8.70 -4.79 3.53
C ASP B 240 8.92 -6.30 3.35
N GLU B 241 7.89 -6.99 2.82
CA GLU B 241 7.90 -8.44 2.73
C GLU B 241 7.42 -8.86 1.35
N GLY B 242 8.18 -9.74 0.70
CA GLY B 242 7.74 -10.35 -0.55
C GLY B 242 7.58 -9.40 -1.72
N ILE B 243 6.37 -9.30 -2.25
CA ILE B 243 6.11 -8.42 -3.40
C ILE B 243 6.53 -6.99 -3.07
N ASN B 244 6.14 -6.51 -1.90
CA ASN B 244 6.46 -5.15 -1.48
C ASN B 244 7.95 -4.96 -1.19
N ALA B 245 8.77 -6.01 -1.31
CA ALA B 245 10.19 -5.91 -1.02
C ALA B 245 11.08 -6.29 -2.20
N GLU B 246 10.51 -6.62 -3.35
CA GLU B 246 11.29 -6.95 -4.54
C GLU B 246 11.49 -5.67 -5.36
N PHE B 247 12.74 -5.23 -5.47
CA PHE B 247 13.07 -3.98 -6.15
C PHE B 247 14.16 -4.21 -7.18
N THR B 248 14.28 -3.24 -8.08
CA THR B 248 15.32 -3.22 -9.10
C THR B 248 16.03 -1.88 -9.11
N TYR B 249 17.26 -1.89 -9.61
CA TYR B 249 18.06 -0.69 -9.77
C TYR B 249 18.01 -0.24 -11.23
N SER B 250 18.03 1.08 -11.43
CA SER B 250 17.97 1.64 -12.78
C SER B 250 18.74 2.95 -12.83
N PHE B 251 19.23 3.27 -14.02
CA PHE B 251 19.97 4.52 -14.27
C PHE B 251 18.96 5.65 -14.41
N LEU B 252 18.82 6.46 -13.36
CA LEU B 252 17.95 7.63 -13.44
C LEU B 252 18.51 8.66 -14.42
N GLY B 253 19.83 8.79 -14.49
CA GLY B 253 20.42 9.70 -15.44
C GLY B 253 20.14 9.27 -16.87
N VAL B 254 19.93 10.27 -17.74
CA VAL B 254 19.59 10.03 -19.14
C VAL B 254 20.87 10.12 -19.96
N ALA B 255 21.01 9.22 -20.95
CA ALA B 255 22.12 9.16 -21.88
C ALA B 255 23.45 8.84 -21.20
N ASN B 256 23.48 8.72 -19.87
CA ASN B 256 24.68 8.40 -19.13
C ASN B 256 24.96 6.90 -19.09
N LYS B 257 24.10 6.08 -19.66
CA LYS B 257 24.35 4.64 -19.76
C LYS B 257 25.36 4.30 -20.85
N ALA B 258 25.91 5.30 -21.54
CA ALA B 258 26.89 5.03 -22.59
C ALA B 258 28.23 4.59 -22.02
N GLN B 259 28.59 5.04 -20.82
CA GLN B 259 29.87 4.68 -20.23
C GLN B 259 29.76 3.56 -19.20
N PHE B 260 28.56 3.27 -18.70
CA PHE B 260 28.39 2.26 -17.67
C PHE B 260 27.15 1.43 -17.98
N SER B 261 27.18 0.17 -17.55
CA SER B 261 26.04 -0.73 -17.65
C SER B 261 25.67 -1.21 -16.25
N LEU B 262 24.39 -1.48 -16.04
CA LEU B 262 23.87 -1.82 -14.73
C LEU B 262 22.90 -2.99 -14.85
N ASP B 263 23.23 -4.09 -14.21
CA ASP B 263 22.30 -5.20 -14.08
C ASP B 263 21.22 -4.80 -13.07
N PRO B 264 19.95 -4.71 -13.46
CA PRO B 264 18.94 -4.18 -12.53
C PRO B 264 18.69 -5.07 -11.34
N ILE B 265 18.67 -6.40 -11.52
CA ILE B 265 18.40 -7.29 -10.40
C ILE B 265 19.61 -7.38 -9.47
N THR B 266 20.80 -7.60 -10.03
CA THR B 266 21.99 -7.74 -9.21
C THR B 266 22.51 -6.41 -8.68
N GLY B 267 22.21 -5.30 -9.33
CA GLY B 267 22.65 -4.00 -8.86
C GLY B 267 24.14 -3.74 -8.95
N ASP B 268 24.82 -4.32 -9.92
CA ASP B 268 26.25 -4.10 -10.10
C ASP B 268 26.50 -3.24 -11.34
N ILE B 269 27.46 -2.33 -11.23
CA ILE B 269 27.82 -1.38 -12.28
C ILE B 269 29.14 -1.81 -12.90
N VAL B 270 29.12 -1.98 -14.22
CA VAL B 270 30.28 -2.41 -15.00
C VAL B 270 30.56 -1.34 -16.05
N THR B 271 31.77 -1.38 -16.60
CA THR B 271 32.18 -0.41 -17.61
C THR B 271 31.79 -0.90 -18.99
N ARG B 272 31.07 -0.05 -19.73
CA ARG B 272 30.70 -0.38 -21.10
C ARG B 272 31.90 -0.22 -22.03
N GLN B 273 32.66 0.86 -21.86
CA GLN B 273 33.78 1.20 -22.70
C GLN B 273 34.92 1.75 -21.84
N SER B 274 36.09 1.86 -22.46
CA SER B 274 37.28 2.33 -21.77
C SER B 274 37.09 3.77 -21.31
N LEU B 275 37.73 4.11 -20.20
CA LEU B 275 37.70 5.45 -19.64
C LEU B 275 38.97 6.18 -20.03
N ASP B 276 38.85 7.49 -20.22
CA ASP B 276 39.97 8.35 -20.56
C ASP B 276 40.02 9.50 -19.58
N PHE B 277 41.11 9.60 -18.82
CA PHE B 277 41.23 10.67 -17.83
C PHE B 277 41.23 12.05 -18.50
N GLU B 278 41.80 12.16 -19.70
CA GLU B 278 41.83 13.44 -20.39
C GLU B 278 40.44 13.81 -20.91
N GLU B 279 39.59 12.82 -21.15
CA GLU B 279 38.24 13.09 -21.65
C GLU B 279 37.30 13.44 -20.50
N VAL B 280 37.16 12.54 -19.53
CA VAL B 280 36.29 12.74 -18.38
C VAL B 280 37.08 12.41 -17.13
N GLU B 281 37.23 13.39 -16.23
CA GLU B 281 38.00 13.17 -15.01
C GLU B 281 37.15 12.54 -13.91
N GLN B 282 35.86 12.88 -13.85
CA GLN B 282 34.99 12.40 -12.78
C GLN B 282 33.60 12.13 -13.35
N TYR B 283 32.97 11.09 -12.83
CA TYR B 283 31.60 10.71 -13.21
C TYR B 283 30.68 10.84 -12.01
N THR B 284 29.44 11.24 -12.28
CA THR B 284 28.38 11.32 -11.28
C THR B 284 27.16 10.63 -11.84
N ILE B 285 26.75 9.53 -11.22
CA ILE B 285 25.67 8.70 -11.71
C ILE B 285 24.54 8.72 -10.69
N ASP B 286 23.32 9.01 -11.15
CA ASP B 286 22.14 8.96 -10.31
C ASP B 286 21.48 7.60 -10.51
N VAL B 287 21.55 6.75 -9.48
CA VAL B 287 20.99 5.41 -9.57
C VAL B 287 19.80 5.31 -8.63
N GLU B 288 18.74 4.67 -9.10
CA GLU B 288 17.48 4.56 -8.38
C GLU B 288 17.17 3.10 -8.09
N ALA B 289 16.48 2.86 -6.98
CA ALA B 289 15.98 1.54 -6.62
C ALA B 289 14.49 1.66 -6.39
N LYS B 290 13.70 0.87 -7.13
CA LYS B 290 12.25 0.94 -7.02
C LYS B 290 11.68 -0.46 -7.01
N ASP B 291 10.68 -0.68 -6.15
CA ASP B 291 10.05 -1.98 -6.04
C ASP B 291 8.97 -2.11 -7.11
N ARG B 292 8.15 -3.15 -7.01
CA ARG B 292 7.05 -3.34 -7.94
C ARG B 292 5.89 -2.39 -7.67
N GLY B 293 5.78 -1.87 -6.44
CA GLY B 293 4.85 -0.83 -6.08
C GLY B 293 5.30 0.59 -6.36
N SER B 294 6.37 0.76 -7.12
CA SER B 294 6.90 2.06 -7.55
C SER B 294 7.45 2.91 -6.41
N LEU B 295 7.61 2.35 -5.21
CA LEU B 295 8.33 3.05 -4.15
C LEU B 295 9.82 3.01 -4.46
N SER B 296 10.44 4.19 -4.54
CA SER B 296 11.82 4.27 -4.99
C SER B 296 12.63 5.21 -4.11
N SER B 297 13.91 4.90 -3.95
CA SER B 297 14.87 5.78 -3.34
C SER B 297 16.09 5.87 -4.24
N GLN B 298 16.72 7.04 -4.25
CA GLN B 298 17.83 7.31 -5.15
C GLN B 298 19.10 7.58 -4.37
N CYS B 299 20.23 7.23 -4.98
CA CYS B 299 21.54 7.56 -4.44
C CYS B 299 22.49 7.87 -5.58
N LYS B 300 23.57 8.57 -5.26
CA LYS B 300 24.54 9.02 -6.25
C LYS B 300 25.83 8.21 -6.10
N VAL B 301 26.34 7.70 -7.22
CA VAL B 301 27.60 6.99 -7.27
C VAL B 301 28.57 7.86 -8.05
N ILE B 302 29.61 8.33 -7.37
CA ILE B 302 30.64 9.15 -7.99
C ILE B 302 31.86 8.27 -8.27
N ILE B 303 32.45 8.45 -9.46
CA ILE B 303 33.56 7.64 -9.91
C ILE B 303 34.71 8.57 -10.24
N GLU B 304 35.87 8.30 -9.64
CA GLU B 304 37.08 9.09 -9.87
C GLU B 304 38.04 8.29 -10.74
N VAL B 305 38.41 8.87 -11.88
CA VAL B 305 39.32 8.23 -12.82
C VAL B 305 40.73 8.71 -12.51
N LEU B 306 41.65 7.76 -12.31
CA LEU B 306 43.04 8.07 -11.99
C LEU B 306 43.85 8.18 -13.27
N ASP B 307 44.68 9.22 -13.34
CA ASP B 307 45.45 9.48 -14.55
C ASP B 307 46.61 8.49 -14.67
N GLU B 308 46.74 7.91 -15.86
CA GLU B 308 47.86 7.02 -16.18
C GLU B 308 48.68 7.66 -17.29
N ASN B 309 49.99 7.39 -17.27
CA ASN B 309 50.91 7.96 -18.26
C ASN B 309 50.82 7.16 -19.55
N ASP B 310 49.83 7.51 -20.38
CA ASP B 310 49.63 6.86 -21.66
C ASP B 310 49.72 7.82 -22.83
N ASN B 311 50.05 9.09 -22.60
CA ASN B 311 50.21 10.08 -23.66
C ASN B 311 51.63 10.63 -23.60
N ARG B 312 52.38 10.41 -24.68
CA ARG B 312 53.75 10.91 -24.74
C ARG B 312 53.75 12.41 -24.98
N PRO B 313 54.72 13.13 -24.41
CA PRO B 313 54.78 14.59 -24.60
C PRO B 313 55.12 14.94 -26.04
N GLU B 314 54.51 16.00 -26.55
CA GLU B 314 54.70 16.43 -27.92
C GLU B 314 55.50 17.73 -27.98
N ILE B 315 56.51 17.76 -28.85
CA ILE B 315 57.30 18.94 -29.12
C ILE B 315 56.75 19.62 -30.36
N ILE B 316 56.49 20.91 -30.26
CA ILE B 316 55.98 21.71 -31.38
C ILE B 316 56.94 22.87 -31.59
N ILE B 317 57.67 22.84 -32.70
CA ILE B 317 58.58 23.92 -33.06
C ILE B 317 57.74 25.08 -33.60
N THR B 318 57.75 26.21 -32.89
CA THR B 318 56.97 27.36 -33.33
C THR B 318 57.57 27.99 -34.58
N SER B 319 58.87 28.28 -34.55
CA SER B 319 59.55 28.90 -35.68
C SER B 319 61.03 28.52 -35.64
N LEU B 320 61.68 28.62 -36.79
CA LEU B 320 63.08 28.27 -36.92
C LEU B 320 63.70 29.09 -38.06
N SER B 321 64.97 29.43 -37.90
CA SER B 321 65.72 30.18 -38.89
C SER B 321 66.69 29.23 -39.59
N ASP B 322 66.49 29.04 -40.90
CA ASP B 322 67.34 28.13 -41.65
C ASP B 322 68.78 28.63 -41.73
N GLN B 323 68.98 29.93 -41.97
CA GLN B 323 70.30 30.50 -42.10
C GLN B 323 70.62 31.37 -40.89
N ILE B 324 71.74 31.07 -40.23
CA ILE B 324 72.25 31.87 -39.12
C ILE B 324 73.77 32.02 -39.28
N SER B 325 74.31 33.07 -38.67
CA SER B 325 75.74 33.34 -38.75
C SER B 325 76.49 32.53 -37.68
N GLU B 326 77.60 31.91 -38.09
CA GLU B 326 78.39 31.14 -37.12
C GLU B 326 79.12 32.04 -36.14
N ASP B 327 79.66 33.17 -36.61
CA ASP B 327 80.39 34.08 -35.74
C ASP B 327 79.46 35.02 -34.98
N SER B 328 78.22 34.59 -34.80
CA SER B 328 77.19 35.34 -34.13
C SER B 328 77.54 35.49 -32.65
N PRO B 329 76.95 36.47 -31.97
CA PRO B 329 77.29 36.70 -30.56
C PRO B 329 76.88 35.54 -29.67
N SER B 330 77.36 35.59 -28.42
CA SER B 330 77.04 34.57 -27.43
C SER B 330 75.56 34.56 -27.08
N GLY B 331 75.01 33.37 -26.89
CA GLY B 331 73.61 33.26 -26.55
C GLY B 331 72.66 33.56 -27.67
N THR B 332 73.11 33.46 -28.92
CA THR B 332 72.27 33.83 -30.06
C THR B 332 71.14 32.82 -30.24
N VAL B 333 69.91 33.34 -30.35
CA VAL B 333 68.75 32.48 -30.50
C VAL B 333 68.78 31.79 -31.86
N VAL B 334 68.47 30.50 -31.87
CA VAL B 334 68.51 29.69 -33.08
C VAL B 334 67.14 29.13 -33.43
N ALA B 335 66.38 28.68 -32.43
CA ALA B 335 65.08 28.11 -32.69
C ALA B 335 64.17 28.36 -31.49
N LEU B 336 62.87 28.34 -31.75
CA LEU B 336 61.85 28.49 -30.72
C LEU B 336 60.90 27.31 -30.80
N PHE B 337 60.71 26.63 -29.68
CA PHE B 337 59.83 25.47 -29.64
C PHE B 337 59.17 25.39 -28.28
N LYS B 338 58.07 24.66 -28.22
CA LYS B 338 57.29 24.51 -27.01
C LYS B 338 56.99 23.02 -26.79
N VAL B 339 56.83 22.64 -25.53
CA VAL B 339 56.55 21.25 -25.17
C VAL B 339 55.19 21.20 -24.51
N ARG B 340 54.28 20.40 -25.07
CA ARG B 340 52.93 20.25 -24.54
C ARG B 340 52.65 18.78 -24.26
N ASP B 341 52.03 18.50 -23.12
CA ASP B 341 51.62 17.15 -22.77
C ASP B 341 50.18 17.18 -22.27
N ARG B 342 49.33 16.36 -22.88
CA ARG B 342 47.91 16.34 -22.56
C ARG B 342 47.62 15.80 -21.16
N ASP B 343 48.53 14.98 -20.61
CA ASP B 343 48.33 14.41 -19.28
C ASP B 343 48.34 15.47 -18.19
N SER B 344 48.10 15.06 -16.95
CA SER B 344 48.03 16.01 -15.84
C SER B 344 48.84 15.48 -14.66
N GLY B 345 49.19 16.40 -13.77
CA GLY B 345 49.92 16.00 -12.57
C GLY B 345 51.38 15.67 -12.90
N GLU B 346 51.91 14.67 -12.20
CA GLU B 346 53.27 14.23 -12.45
C GLU B 346 53.43 13.66 -13.86
N ASN B 347 52.35 13.11 -14.42
CA ASN B 347 52.39 12.63 -15.80
C ASN B 347 52.50 13.77 -16.80
N ALA B 348 52.29 15.01 -16.38
CA ALA B 348 52.41 16.16 -17.27
C ALA B 348 53.75 16.87 -17.16
N GLU B 349 54.45 16.75 -16.03
CA GLU B 349 55.75 17.37 -15.89
C GLU B 349 56.74 16.67 -16.82
N VAL B 350 57.53 17.46 -17.55
CA VAL B 350 58.45 16.93 -18.55
C VAL B 350 59.82 17.56 -18.36
N MET B 351 60.83 16.84 -18.82
CA MET B 351 62.21 17.32 -18.84
C MET B 351 62.82 16.96 -20.19
N CYS B 352 63.36 17.96 -20.87
CA CYS B 352 63.97 17.78 -22.18
C CYS B 352 65.46 18.08 -22.12
N SER B 353 66.22 17.41 -22.98
CA SER B 353 67.66 17.57 -23.02
C SER B 353 68.14 17.47 -24.46
N LEU B 354 69.26 18.14 -24.74
CA LEU B 354 69.91 18.12 -26.03
C LEU B 354 71.06 17.09 -26.00
N SER B 355 71.80 17.02 -27.11
CA SER B 355 72.91 16.09 -27.18
C SER B 355 74.09 16.57 -26.36
N GLY B 356 74.43 17.86 -26.46
CA GLY B 356 75.55 18.43 -25.74
C GLY B 356 76.79 18.66 -26.58
N ASN B 357 77.00 17.85 -27.63
CA ASN B 357 78.15 18.06 -28.51
C ASN B 357 78.07 19.39 -29.22
N ASN B 358 76.88 19.78 -29.65
CA ASN B 358 76.70 21.09 -30.26
C ASN B 358 76.92 22.19 -29.21
N PRO B 359 77.31 23.39 -29.63
CA PRO B 359 77.47 24.49 -28.66
C PRO B 359 76.14 25.02 -28.14
N PHE B 360 75.01 24.60 -28.70
CA PHE B 360 73.72 25.12 -28.29
C PHE B 360 73.38 24.65 -26.87
N LYS B 361 72.55 25.44 -26.19
CA LYS B 361 72.16 25.16 -24.82
C LYS B 361 70.67 25.39 -24.66
N ILE B 362 70.10 24.75 -23.64
CA ILE B 362 68.67 24.87 -23.37
C ILE B 362 68.45 25.98 -22.35
N HIS B 363 67.36 26.73 -22.53
CA HIS B 363 66.98 27.80 -21.62
C HIS B 363 65.48 27.81 -21.43
N SER B 364 65.04 28.40 -20.32
CA SER B 364 63.62 28.49 -19.98
C SER B 364 63.20 29.95 -19.94
N SER B 365 62.33 30.34 -20.87
CA SER B 365 61.81 31.69 -20.99
C SER B 365 60.40 31.81 -20.43
N SER B 366 59.49 30.92 -20.82
CA SER B 366 58.13 31.01 -20.30
C SER B 366 57.51 29.63 -20.19
N ASN B 367 56.32 29.61 -19.61
CA ASN B 367 55.65 28.34 -19.33
C ASN B 367 55.33 27.61 -20.62
N ASN B 368 55.72 26.34 -20.68
CA ASN B 368 55.55 25.45 -21.83
C ASN B 368 56.34 25.92 -23.04
N TYR B 369 57.27 26.86 -22.88
CA TYR B 369 58.08 27.33 -24.00
C TYR B 369 59.55 27.40 -23.61
N TYR B 370 60.42 26.96 -24.51
CA TYR B 370 61.86 26.94 -24.29
C TYR B 370 62.57 27.49 -25.52
N LYS B 371 63.61 28.29 -25.28
CA LYS B 371 64.41 28.86 -26.35
C LYS B 371 65.74 28.14 -26.45
N LEU B 372 66.12 27.77 -27.66
CA LEU B 372 67.41 27.13 -27.93
C LEU B 372 68.36 28.20 -28.46
N VAL B 373 69.43 28.47 -27.72
CA VAL B 373 70.38 29.51 -28.11
C VAL B 373 71.77 28.89 -28.27
N THR B 374 72.72 29.71 -28.67
CA THR B 374 74.12 29.31 -28.83
C THR B 374 74.94 30.14 -27.87
N ASP B 375 75.60 29.46 -26.92
CA ASP B 375 76.38 30.13 -25.88
C ASP B 375 77.74 30.58 -26.40
N SER B 376 78.34 29.80 -27.30
CA SER B 376 79.66 30.09 -27.84
C SER B 376 79.59 30.16 -29.36
N ILE B 377 80.25 31.15 -29.93
CA ILE B 377 80.30 31.31 -31.38
C ILE B 377 81.15 30.19 -31.99
N LEU B 378 80.83 29.82 -33.22
CA LEU B 378 81.52 28.77 -33.95
C LEU B 378 81.97 29.34 -35.29
N ASP B 379 82.99 28.71 -35.88
CA ASP B 379 83.44 29.12 -37.20
C ASP B 379 82.70 28.34 -38.28
N ARG B 380 82.39 29.01 -39.38
CA ARG B 380 81.75 28.32 -40.50
C ARG B 380 82.67 27.26 -41.07
N GLU B 381 83.98 27.52 -41.07
CA GLU B 381 84.94 26.51 -41.51
C GLU B 381 85.03 25.37 -40.51
N GLN B 382 84.76 25.64 -39.23
CA GLN B 382 84.79 24.59 -38.22
C GLN B 382 83.66 23.59 -38.44
N THR B 383 82.42 24.07 -38.46
CA THR B 383 81.27 23.20 -38.70
C THR B 383 80.21 23.96 -39.49
N PRO B 384 80.01 23.63 -40.77
CA PRO B 384 79.02 24.37 -41.58
C PRO B 384 77.59 24.03 -41.21
N GLY B 385 77.27 22.74 -41.15
CA GLY B 385 75.93 22.30 -40.81
C GLY B 385 75.92 21.50 -39.53
N TYR B 386 74.77 21.49 -38.86
CA TYR B 386 74.63 20.79 -37.58
C TYR B 386 73.26 20.15 -37.50
N ASN B 387 73.23 18.87 -37.14
CA ASN B 387 72.00 18.17 -36.78
C ASN B 387 71.98 17.97 -35.28
N VAL B 388 70.86 18.32 -34.64
CA VAL B 388 70.71 18.18 -33.20
C VAL B 388 69.41 17.44 -32.90
N THR B 389 69.48 16.45 -32.02
CA THR B 389 68.32 15.65 -31.63
C THR B 389 67.93 16.02 -30.21
N ILE B 390 66.75 16.58 -30.04
CA ILE B 390 66.22 16.98 -28.74
C ILE B 390 65.31 15.86 -28.22
N THR B 391 65.48 15.50 -26.96
CA THR B 391 64.69 14.45 -26.33
C THR B 391 63.84 15.03 -25.22
N ALA B 392 62.53 14.79 -25.27
CA ALA B 392 61.60 15.23 -24.23
C ALA B 392 61.03 14.01 -23.54
N THR B 393 61.33 13.86 -22.25
CA THR B 393 60.89 12.70 -21.48
C THR B 393 60.05 13.15 -20.30
N ASP B 394 58.94 12.46 -20.06
CA ASP B 394 58.16 12.66 -18.85
C ASP B 394 58.49 11.53 -17.88
N ARG B 395 58.63 11.91 -16.60
CA ARG B 395 59.17 11.06 -15.54
C ARG B 395 58.14 10.20 -14.84
N GLY B 396 56.84 10.45 -15.05
CA GLY B 396 55.83 9.61 -14.43
C GLY B 396 55.89 8.21 -15.02
N LYS B 397 55.68 7.22 -14.15
CA LYS B 397 55.90 5.83 -14.53
C LYS B 397 54.72 5.21 -15.28
N PRO B 398 55.00 4.56 -16.42
CA PRO B 398 56.36 4.44 -16.98
C PRO B 398 56.81 5.69 -17.73
N PRO B 399 58.05 6.13 -17.51
CA PRO B 399 58.53 7.35 -18.19
C PRO B 399 58.53 7.18 -19.69
N LEU B 400 58.17 8.23 -20.40
CA LEU B 400 58.07 8.16 -21.86
C LEU B 400 58.82 9.32 -22.52
N SER B 401 59.46 9.03 -23.65
CA SER B 401 60.30 10.03 -24.29
C SER B 401 60.03 10.06 -25.79
N SER B 402 60.04 11.27 -26.36
CA SER B 402 59.95 11.47 -27.79
C SER B 402 61.09 12.38 -28.23
N SER B 403 61.64 12.11 -29.41
CA SER B 403 62.79 12.84 -29.92
C SER B 403 62.44 13.56 -31.21
N THR B 404 63.09 14.70 -31.44
CA THR B 404 62.91 15.47 -32.65
C THR B 404 64.26 15.94 -33.14
N THR B 405 64.55 15.66 -34.41
CA THR B 405 65.84 16.01 -35.02
C THR B 405 65.66 17.25 -35.87
N ILE B 406 66.46 18.27 -35.60
CA ILE B 406 66.41 19.52 -36.36
C ILE B 406 67.77 19.76 -37.00
N THR B 407 67.75 20.41 -38.15
CA THR B 407 68.95 20.73 -38.92
C THR B 407 69.11 22.24 -38.99
N LEU B 408 70.31 22.71 -38.65
CA LEU B 408 70.65 24.13 -38.70
C LEU B 408 71.85 24.31 -39.61
N ASN B 409 71.77 25.30 -40.50
CA ASN B 409 72.83 25.56 -41.46
C ASN B 409 73.43 26.94 -41.19
N VAL B 410 74.72 27.07 -41.47
CA VAL B 410 75.41 28.34 -41.33
C VAL B 410 75.79 28.90 -42.69
#